data_7DPF
#
_entry.id   7DPF
#
loop_
_entity.id
_entity.type
_entity.pdbx_description
1 polymer 'Virion protein 1'
2 polymer VP2
3 polymer VP3
4 polymer 'Capsid protein VP4'
5 non-polymer 'PALMITIC ACID'
#
loop_
_entity_poly.entity_id
_entity_poly.type
_entity_poly.pdbx_seq_one_letter_code
_entity_poly.pdbx_strand_id
1 'polypeptide(L)'
;GPVEESVDRAVARVADTISSRPTNSESIPALTAAETGHTSQVVPSDTMQTRHVKNYHSRSESSIENFLCRSACVYYATYT
NNSKKGFAEWVINTRQVAQLRRKLELFTYLRFDLELTFVITSAQQPSTASSVDAPVQTHQIMYVPPGGPVPTKVKDYAWQ
TSTNPSVFWTEGNAPPRMSIPFISIGNAYSCFYDGWTQFSRNGVYGINTLNNMGTLYMRHVNEAGQGPIKSTVRIYFKPK
HVKAWVPRPPRLCQYEKQKNVNFSPIGVTTSRTDIITT
;
1
2 'polypeptide(L)'
;SPSAEECGYSDRVRSITLGNSTITTQECANVVVGYGVWPEYLKDNEATAEDQPTQPDVATCRFYTLESVQWMKNSAGWWW
KLPDALSQMGLFGQNMQYHYLGRTGYTIHVQCNASKFHQGCLLVVCVPEAEMGCSNLNNTPEFSELSGGDSARMFTDTQV
GESNAKKVQTAVWNAGMGVGVGNLTIFPHQWINLRTNNSATLVMPYINSVPMDNMFRHNNLTLMIIPFVPLNYSEGSSPY
VPITVTIAPMCAEYNGLRLASNQ
;
2
3 'polypeptide(L)'
;GLPVMTTPGSTQFLTSDDFQSPSAMPQFDVTPEMQIPGRVNNLMEIAEVDSVVPVNNTEDNVSSLKAYQIPVQSNSDNGK
QVFGFPLQPGANNVLNRTLLGEILNYYTHWSGSIKLTFMFCGSAMATGKFLLAYSPPGAGVPKNRKDAMLGTHVIWDVGL
QSSCVLCVPWISQTHYRYVVEDEYTAAGYVTCWYQTNIVVPADVQSSCDILCFVSACNDFSVRMLKDTPFIRQDTFYQ
;
3
4 'polypeptide(L)' MGAQVSTQKTGAHETGLNASGNSVIHYTNINYYKDAASNSANRQDFTQDPGKFTEPVKDIMVKTMPALN 4
#
loop_
_chem_comp.id
_chem_comp.type
_chem_comp.name
_chem_comp.formula
PLM non-polymer 'PALMITIC ACID' 'C16 H32 O2'
#
# COMPACT_ATOMS: atom_id res chain seq x y z
N ALA A 12 12.63 -15.97 -13.89
CA ALA A 12 11.45 -15.96 -13.03
C ALA A 12 10.21 -16.38 -13.80
N ARG A 13 10.20 -17.62 -14.28
CA ARG A 13 9.10 -18.09 -15.10
C ARG A 13 7.84 -18.30 -14.27
N VAL A 14 6.69 -18.12 -14.92
CA VAL A 14 5.41 -18.31 -14.28
C VAL A 14 5.01 -19.77 -14.36
N ALA A 15 4.00 -20.14 -13.59
CA ALA A 15 3.54 -21.53 -13.54
C ALA A 15 2.80 -21.90 -14.81
N ASP A 16 2.89 -23.16 -15.20
CA ASP A 16 2.25 -23.60 -16.43
C ASP A 16 0.95 -24.34 -16.12
N THR A 17 0.18 -24.58 -17.18
CA THR A 17 -1.16 -25.13 -17.04
C THR A 17 -1.10 -26.65 -17.09
N ILE A 18 -1.91 -27.30 -16.26
CA ILE A 18 -1.97 -28.74 -16.17
C ILE A 18 -3.29 -29.20 -16.77
N SER A 19 -3.24 -30.26 -17.59
CA SER A 19 -4.44 -30.82 -18.19
C SER A 19 -5.34 -31.43 -17.11
N SER A 20 -6.63 -31.49 -17.42
CA SER A 20 -7.60 -31.96 -16.43
C SER A 20 -8.71 -32.73 -17.14
N ARG A 21 -9.52 -33.39 -16.33
CA ARG A 21 -10.52 -34.37 -16.75
C ARG A 21 -11.86 -34.01 -16.13
N PRO A 22 -12.96 -34.59 -16.63
CA PRO A 22 -14.25 -34.38 -15.96
C PRO A 22 -14.30 -35.09 -14.61
N THR A 23 -14.82 -34.39 -13.60
CA THR A 23 -14.85 -34.89 -12.24
C THR A 23 -16.28 -34.99 -11.72
N ASN A 24 -16.46 -35.87 -10.74
CA ASN A 24 -17.70 -36.00 -9.97
C ASN A 24 -17.27 -36.55 -8.62
N SER A 25 -17.06 -35.67 -7.64
CA SER A 25 -16.39 -36.08 -6.43
C SER A 25 -16.79 -35.19 -5.28
N GLU A 26 -16.16 -35.43 -4.13
CA GLU A 26 -16.43 -34.73 -2.89
C GLU A 26 -15.60 -33.47 -2.72
N SER A 27 -14.52 -33.31 -3.50
CA SER A 27 -13.63 -32.17 -3.33
C SER A 27 -14.25 -30.91 -3.92
N ILE A 28 -14.18 -29.83 -3.16
CA ILE A 28 -14.76 -28.55 -3.56
C ILE A 28 -13.69 -27.46 -3.64
N PRO A 29 -13.04 -27.29 -4.79
CA PRO A 29 -12.09 -26.19 -4.91
C PRO A 29 -12.74 -24.82 -5.02
N ALA A 30 -13.92 -24.72 -5.64
CA ALA A 30 -14.54 -23.43 -5.85
C ALA A 30 -15.16 -22.86 -4.59
N LEU A 31 -15.59 -23.69 -3.65
CA LEU A 31 -16.20 -23.23 -2.42
C LEU A 31 -15.12 -22.96 -1.38
N THR A 32 -15.20 -21.81 -0.73
CA THR A 32 -14.21 -21.40 0.25
C THR A 32 -14.89 -20.52 1.29
N ALA A 33 -14.09 -19.84 2.09
CA ALA A 33 -14.59 -18.86 3.06
C ALA A 33 -13.62 -17.69 3.06
N ALA A 34 -14.06 -16.53 2.60
CA ALA A 34 -13.22 -15.33 2.57
C ALA A 34 -13.20 -14.61 3.91
N GLU A 35 -13.87 -15.15 4.92
CA GLU A 35 -13.91 -14.55 6.25
C GLU A 35 -12.65 -14.81 7.04
N THR A 36 -11.79 -15.71 6.59
CA THR A 36 -10.56 -16.05 7.29
C THR A 36 -9.42 -15.09 7.00
N GLY A 37 -9.60 -14.18 6.06
CA GLY A 37 -8.50 -13.32 5.63
C GLY A 37 -7.46 -14.08 4.83
N HIS A 38 -7.90 -15.01 4.00
CA HIS A 38 -7.01 -15.92 3.29
C HIS A 38 -7.47 -16.00 1.84
N THR A 39 -6.60 -15.58 0.93
CA THR A 39 -6.92 -15.56 -0.49
C THR A 39 -6.85 -16.98 -1.05
N SER A 40 -7.86 -17.36 -1.82
CA SER A 40 -7.97 -18.72 -2.35
C SER A 40 -6.86 -19.00 -3.37
N GLN A 41 -6.40 -20.25 -3.36
CA GLN A 41 -5.26 -20.67 -4.17
C GLN A 41 -5.70 -21.56 -5.33
N VAL A 42 -6.85 -21.27 -5.91
CA VAL A 42 -7.35 -22.08 -7.01
C VAL A 42 -6.73 -21.61 -8.32
N VAL A 43 -6.46 -22.59 -9.19
CA VAL A 43 -5.97 -22.36 -10.54
C VAL A 43 -7.17 -22.63 -11.45
N PRO A 44 -7.20 -22.15 -12.70
CA PRO A 44 -8.34 -22.43 -13.56
C PRO A 44 -8.42 -23.86 -14.08
N SER A 45 -7.48 -24.73 -13.76
CA SER A 45 -7.58 -26.14 -14.10
C SER A 45 -8.33 -26.95 -13.06
N ASP A 46 -8.99 -26.28 -12.11
CA ASP A 46 -9.84 -26.94 -11.12
C ASP A 46 -11.32 -26.72 -11.37
N THR A 47 -11.68 -25.69 -12.12
CA THR A 47 -13.07 -25.34 -12.36
C THR A 47 -13.55 -25.71 -13.77
N MET A 48 -12.65 -26.07 -14.67
CA MET A 48 -13.01 -26.41 -16.04
C MET A 48 -11.95 -27.34 -16.61
N GLN A 49 -12.22 -27.84 -17.81
CA GLN A 49 -11.29 -28.72 -18.51
C GLN A 49 -10.27 -27.88 -19.25
N THR A 50 -8.99 -28.13 -19.00
CA THR A 50 -7.91 -27.38 -19.61
C THR A 50 -7.03 -28.31 -20.43
N ARG A 51 -6.14 -27.71 -21.21
CA ARG A 51 -5.08 -28.40 -21.92
C ARG A 51 -3.74 -28.04 -21.30
N HIS A 52 -2.73 -28.81 -21.65
CA HIS A 52 -1.38 -28.55 -21.17
C HIS A 52 -0.75 -27.43 -21.99
N VAL A 53 -0.34 -26.36 -21.32
CA VAL A 53 0.26 -25.19 -21.95
C VAL A 53 1.55 -24.87 -21.20
N LYS A 54 2.66 -24.82 -21.92
CA LYS A 54 3.94 -24.43 -21.35
C LYS A 54 4.11 -22.92 -21.44
N ASN A 55 4.15 -22.25 -20.30
CA ASN A 55 4.32 -20.80 -20.25
C ASN A 55 5.80 -20.45 -20.18
N TYR A 56 6.21 -19.49 -21.00
CA TYR A 56 7.57 -18.98 -21.01
C TYR A 56 7.65 -17.54 -20.53
N HIS A 57 6.56 -17.00 -19.97
CA HIS A 57 6.55 -15.63 -19.51
C HIS A 57 7.34 -15.50 -18.22
N SER A 58 7.91 -14.32 -18.00
CA SER A 58 8.72 -14.05 -16.84
C SER A 58 8.23 -12.80 -16.13
N ARG A 59 8.48 -12.74 -14.83
CA ARG A 59 8.09 -11.62 -13.98
C ARG A 59 9.26 -10.70 -13.70
N SER A 60 10.14 -10.51 -14.67
CA SER A 60 11.39 -9.79 -14.43
C SER A 60 11.20 -8.28 -14.41
N GLU A 61 10.17 -7.76 -15.06
CA GLU A 61 9.99 -6.32 -15.18
C GLU A 61 9.21 -5.71 -14.03
N SER A 62 8.69 -6.52 -13.12
CA SER A 62 7.89 -6.02 -12.01
C SER A 62 8.62 -6.10 -10.68
N SER A 63 9.92 -6.34 -10.69
CA SER A 63 10.68 -6.41 -9.45
C SER A 63 10.84 -5.03 -8.84
N ILE A 64 11.17 -4.99 -7.56
CA ILE A 64 11.38 -3.72 -6.88
C ILE A 64 12.65 -3.05 -7.41
N GLU A 65 13.63 -3.83 -7.86
CA GLU A 65 14.81 -3.28 -8.49
C GLU A 65 14.54 -2.70 -9.87
N ASN A 66 13.47 -3.13 -10.53
CA ASN A 66 13.14 -2.62 -11.86
C ASN A 66 12.05 -1.56 -11.84
N PHE A 67 11.21 -1.57 -10.81
CA PHE A 67 10.12 -0.62 -10.71
C PHE A 67 10.60 0.75 -10.25
N LEU A 68 11.63 0.80 -9.41
CA LEU A 68 12.04 2.04 -8.76
C LEU A 68 13.32 2.65 -9.30
N CYS A 69 14.11 1.91 -10.06
CA CYS A 69 15.43 2.37 -10.50
C CYS A 69 15.33 3.10 -11.83
N ARG A 70 14.67 4.25 -11.80
CA ARG A 70 14.60 5.17 -12.94
C ARG A 70 14.74 6.59 -12.42
N SER A 71 15.22 7.48 -13.29
CA SER A 71 15.49 8.86 -12.90
C SER A 71 14.21 9.68 -12.94
N ALA A 72 13.98 10.46 -11.89
CA ALA A 72 12.78 11.29 -11.78
C ALA A 72 13.15 12.67 -11.26
N CYS A 73 12.54 13.70 -11.83
CA CYS A 73 12.82 15.08 -11.43
C CYS A 73 12.18 15.38 -10.09
N VAL A 74 12.93 16.04 -9.20
CA VAL A 74 12.44 16.35 -7.87
C VAL A 74 12.29 17.84 -7.62
N TYR A 75 13.08 18.69 -8.29
CA TYR A 75 13.05 20.12 -8.06
C TYR A 75 13.71 20.84 -9.23
N TYR A 76 13.38 22.12 -9.39
CA TYR A 76 14.17 23.01 -10.22
C TYR A 76 14.11 24.42 -9.66
N ALA A 77 15.26 25.10 -9.64
CA ALA A 77 15.39 26.44 -9.07
C ALA A 77 16.21 27.32 -10.00
N THR A 78 16.00 28.63 -9.89
CA THR A 78 16.66 29.62 -10.73
C THR A 78 17.48 30.59 -9.89
N TYR A 79 18.49 31.18 -10.52
CA TYR A 79 19.34 32.18 -9.89
C TYR A 79 19.95 33.07 -10.96
N THR A 80 20.08 34.35 -10.66
CA THR A 80 20.46 35.36 -11.64
C THR A 80 21.87 35.87 -11.37
N ASN A 81 22.61 36.12 -12.46
CA ASN A 81 23.99 36.60 -12.35
C ASN A 81 24.06 38.03 -11.83
N ASN A 82 23.44 38.97 -12.55
CA ASN A 82 23.46 40.38 -12.19
C ASN A 82 22.33 40.60 -11.18
N SER A 83 22.61 40.25 -9.93
CA SER A 83 21.66 40.41 -8.84
C SER A 83 22.41 40.44 -7.52
N LYS A 84 21.96 41.30 -6.62
CA LYS A 84 22.46 41.25 -5.25
C LYS A 84 21.88 40.02 -4.56
N LYS A 85 22.78 39.19 -4.02
CA LYS A 85 22.46 37.90 -3.39
C LYS A 85 21.71 36.97 -4.35
N GLY A 86 22.27 36.80 -5.56
CA GLY A 86 21.67 35.91 -6.53
C GLY A 86 22.25 34.51 -6.48
N PHE A 87 21.58 33.63 -5.75
CA PHE A 87 21.97 32.24 -5.61
C PHE A 87 20.75 31.47 -5.12
N ALA A 88 20.83 30.15 -5.18
CA ALA A 88 19.68 29.30 -4.92
C ALA A 88 19.98 28.30 -3.81
N GLU A 89 18.94 27.94 -3.06
CA GLU A 89 19.03 26.95 -2.01
C GLU A 89 17.82 26.03 -2.07
N TRP A 90 17.99 24.83 -1.52
CA TRP A 90 16.93 23.82 -1.51
C TRP A 90 17.16 22.85 -0.37
N VAL A 91 16.14 22.67 0.47
CA VAL A 91 16.18 21.68 1.53
C VAL A 91 15.70 20.34 0.97
N ILE A 92 16.53 19.31 1.13
CA ILE A 92 16.38 18.07 0.38
C ILE A 92 15.21 17.26 0.92
N ASN A 93 14.22 17.01 0.07
CA ASN A 93 13.12 16.11 0.38
C ASN A 93 12.57 15.55 -0.92
N THR A 94 11.64 14.60 -0.80
CA THR A 94 11.01 13.95 -1.94
C THR A 94 9.49 14.11 -1.92
N ARG A 95 9.02 15.29 -1.56
CA ARG A 95 7.59 15.48 -1.38
C ARG A 95 7.04 16.72 -2.07
N GLN A 96 7.76 17.32 -3.00
CA GLN A 96 7.26 18.47 -3.73
C GLN A 96 6.75 18.11 -5.12
N VAL A 97 7.06 16.92 -5.61
CA VAL A 97 6.57 16.43 -6.89
C VAL A 97 5.49 15.39 -6.64
N ALA A 98 4.63 15.19 -7.62
CA ALA A 98 3.48 14.33 -7.44
C ALA A 98 3.68 12.92 -7.97
N GLN A 99 4.67 12.70 -8.83
CA GLN A 99 4.85 11.40 -9.46
C GLN A 99 5.80 10.50 -8.70
N LEU A 100 6.87 11.05 -8.14
CA LEU A 100 7.76 10.24 -7.32
C LEU A 100 7.22 10.02 -5.93
N ARG A 101 6.39 10.95 -5.43
CA ARG A 101 5.80 10.79 -4.11
C ARG A 101 4.78 9.65 -4.09
N ARG A 102 4.08 9.43 -5.19
CA ARG A 102 3.11 8.34 -5.24
C ARG A 102 3.78 6.99 -5.42
N LYS A 103 4.97 6.95 -6.04
CA LYS A 103 5.67 5.69 -6.24
C LYS A 103 6.36 5.23 -4.96
N LEU A 104 6.94 6.16 -4.21
CA LEU A 104 7.64 5.80 -2.98
C LEU A 104 6.70 5.50 -1.83
N GLU A 105 5.46 6.01 -1.88
CA GLU A 105 4.50 5.79 -0.80
C GLU A 105 3.59 4.60 -1.06
N LEU A 106 4.05 3.63 -1.84
CA LEU A 106 3.41 2.32 -1.88
C LEU A 106 3.97 1.40 -0.81
N PHE A 107 5.02 1.83 -0.11
CA PHE A 107 5.65 1.06 0.95
C PHE A 107 5.78 1.95 2.17
N THR A 108 6.02 1.33 3.32
CA THR A 108 6.20 2.08 4.55
C THR A 108 7.66 2.33 4.87
N TYR A 109 8.54 1.37 4.61
CA TYR A 109 9.95 1.50 4.91
C TYR A 109 10.78 1.15 3.68
N LEU A 110 11.79 1.97 3.38
CA LEU A 110 12.62 1.81 2.21
C LEU A 110 14.09 1.96 2.59
N ARG A 111 14.97 1.37 1.80
CA ARG A 111 16.40 1.43 2.06
C ARG A 111 17.14 1.30 0.74
N PHE A 112 17.82 2.36 0.31
CA PHE A 112 18.48 2.35 -0.99
C PHE A 112 19.70 3.26 -0.98
N ASP A 113 20.55 3.08 -1.99
CA ASP A 113 21.57 4.05 -2.36
C ASP A 113 20.98 5.05 -3.35
N LEU A 114 21.75 6.07 -3.70
CA LEU A 114 21.23 7.14 -4.53
C LEU A 114 22.21 7.47 -5.66
N GLU A 115 21.65 8.01 -6.73
CA GLU A 115 22.42 8.55 -7.83
C GLU A 115 21.84 9.92 -8.18
N LEU A 116 22.71 10.92 -8.27
CA LEU A 116 22.28 12.30 -8.38
C LEU A 116 22.77 12.88 -9.70
N THR A 117 21.89 13.55 -10.43
CA THR A 117 22.23 14.12 -11.73
C THR A 117 21.65 15.52 -11.82
N PHE A 118 22.42 16.45 -12.38
CA PHE A 118 22.01 17.85 -12.50
C PHE A 118 21.99 18.27 -13.96
N VAL A 119 20.97 19.03 -14.34
CA VAL A 119 20.82 19.55 -15.69
C VAL A 119 20.74 21.07 -15.58
N ILE A 120 21.74 21.77 -16.13
CA ILE A 120 21.89 23.21 -15.97
C ILE A 120 21.78 23.89 -17.33
N THR A 121 20.90 24.89 -17.42
CA THR A 121 20.71 25.69 -18.62
C THR A 121 21.00 27.16 -18.30
N SER A 122 20.87 28.02 -19.30
CA SER A 122 21.11 29.44 -19.15
C SER A 122 20.26 30.22 -20.15
N ALA A 123 20.06 31.50 -19.86
CA ALA A 123 19.26 32.36 -20.71
C ALA A 123 19.77 33.79 -20.59
N GLN A 124 19.62 34.55 -21.66
CA GLN A 124 20.12 35.92 -21.73
C GLN A 124 19.00 36.89 -21.37
N GLN A 125 19.29 37.81 -20.47
CA GLN A 125 18.33 38.78 -19.98
C GLN A 125 18.46 40.09 -20.75
N PRO A 126 17.38 40.90 -20.82
CA PRO A 126 17.42 42.11 -21.66
C PRO A 126 18.31 43.22 -21.13
N SER A 127 19.61 43.13 -21.43
CA SER A 127 20.57 44.17 -21.08
C SER A 127 20.42 45.37 -22.02
N THR A 128 21.21 46.41 -21.75
CA THR A 128 21.12 47.65 -22.50
C THR A 128 22.39 48.01 -23.26
N ALA A 129 23.49 47.28 -23.06
CA ALA A 129 24.74 47.62 -23.72
C ALA A 129 24.79 47.03 -25.12
N SER A 130 25.71 47.54 -25.91
CA SER A 130 25.97 47.02 -27.24
C SER A 130 27.20 46.11 -27.22
N SER A 131 27.25 45.18 -28.18
CA SER A 131 28.31 44.17 -28.33
C SER A 131 28.43 43.31 -27.08
N VAL A 132 27.35 42.61 -26.77
CA VAL A 132 27.34 41.68 -25.64
C VAL A 132 27.88 40.34 -26.11
N ASP A 133 28.98 39.90 -25.52
CA ASP A 133 29.58 38.61 -25.84
C ASP A 133 30.22 38.06 -24.58
N ALA A 134 29.68 36.95 -24.07
CA ALA A 134 30.14 36.41 -22.80
C ALA A 134 30.88 35.09 -23.01
N PRO A 135 31.88 34.81 -22.17
CA PRO A 135 32.55 33.50 -22.25
C PRO A 135 31.73 32.36 -21.68
N VAL A 136 32.36 31.19 -21.56
CA VAL A 136 31.66 30.00 -21.07
C VAL A 136 31.43 30.13 -19.58
N GLN A 137 30.25 29.68 -19.14
CA GLN A 137 29.85 29.82 -17.74
C GLN A 137 30.25 28.60 -16.93
N THR A 138 30.63 28.84 -15.67
CA THR A 138 30.99 27.78 -14.74
C THR A 138 30.10 27.90 -13.51
N HIS A 139 29.60 26.76 -13.04
CA HIS A 139 28.68 26.72 -11.91
C HIS A 139 29.27 25.88 -10.77
N GLN A 140 28.86 26.19 -9.55
CA GLN A 140 29.27 25.43 -8.37
C GLN A 140 28.04 25.02 -7.59
N ILE A 141 27.97 23.74 -7.21
CA ILE A 141 26.87 23.19 -6.44
C ILE A 141 27.43 22.60 -5.16
N MET A 142 27.02 23.15 -4.02
CA MET A 142 27.58 22.80 -2.73
C MET A 142 26.54 22.10 -1.86
N TYR A 143 27.00 21.13 -1.06
CA TYR A 143 26.13 20.39 -0.15
C TYR A 143 26.60 20.63 1.28
N VAL A 144 25.70 21.12 2.13
CA VAL A 144 25.98 21.41 3.52
C VAL A 144 25.20 20.43 4.38
N PRO A 145 25.86 19.54 5.12
CA PRO A 145 25.15 18.67 6.07
C PRO A 145 24.63 19.49 7.25
N PRO A 146 23.61 19.00 7.97
CA PRO A 146 22.96 19.83 9.00
C PRO A 146 23.87 20.15 10.17
N GLY A 147 24.01 21.44 10.45
CA GLY A 147 24.87 21.95 11.50
C GLY A 147 26.01 22.82 11.03
N GLY A 148 26.34 22.79 9.74
CA GLY A 148 27.46 23.53 9.23
C GLY A 148 27.12 24.98 8.96
N PRO A 149 28.12 25.72 8.46
CA PRO A 149 27.89 27.12 8.11
C PRO A 149 27.28 27.28 6.72
N VAL A 150 26.36 28.23 6.60
CA VAL A 150 25.62 28.43 5.35
C VAL A 150 26.07 29.73 4.68
N PRO A 151 26.04 29.79 3.35
CA PRO A 151 26.34 31.06 2.68
C PRO A 151 25.22 32.07 2.85
N THR A 152 25.60 33.33 3.01
CA THR A 152 24.64 34.43 3.07
C THR A 152 24.63 35.29 1.82
N LYS A 153 25.68 35.24 1.00
CA LYS A 153 25.73 36.00 -0.24
C LYS A 153 26.60 35.23 -1.24
N VAL A 154 26.88 35.86 -2.36
CA VAL A 154 27.65 35.21 -3.43
C VAL A 154 29.14 35.27 -3.16
N LYS A 155 29.66 36.43 -2.74
CA LYS A 155 31.06 36.56 -2.36
C LYS A 155 31.17 36.34 -0.85
N ASP A 156 31.19 35.07 -0.46
CA ASP A 156 31.17 34.69 0.95
C ASP A 156 32.31 33.74 1.23
N TYR A 157 32.71 33.68 2.50
CA TYR A 157 33.76 32.76 2.91
C TYR A 157 33.27 31.32 2.98
N ALA A 158 31.96 31.11 3.00
CA ALA A 158 31.44 29.77 3.20
C ALA A 158 31.56 28.88 1.97
N TRP A 159 31.95 29.43 0.83
CA TRP A 159 32.14 28.65 -0.39
C TRP A 159 33.55 28.10 -0.52
N GLN A 160 34.33 28.09 0.57
CA GLN A 160 35.68 27.57 0.55
C GLN A 160 35.73 26.06 0.42
N THR A 161 34.60 25.37 0.67
CA THR A 161 34.36 23.91 0.59
C THR A 161 35.56 23.06 1.05
N SER A 162 36.01 23.33 2.27
CA SER A 162 37.16 22.59 2.80
C SER A 162 36.79 21.14 3.13
N THR A 163 35.63 20.92 3.72
CA THR A 163 35.16 19.57 4.00
C THR A 163 33.77 19.26 3.47
N ASN A 164 32.97 20.26 3.12
CA ASN A 164 31.71 19.99 2.46
C ASN A 164 31.97 19.56 1.02
N PRO A 165 31.31 18.50 0.54
CA PRO A 165 31.48 18.10 -0.87
C PRO A 165 30.78 19.06 -1.81
N SER A 166 31.48 19.44 -2.89
CA SER A 166 30.93 20.30 -3.92
C SER A 166 31.34 19.77 -5.28
N VAL A 167 30.83 20.40 -6.33
CA VAL A 167 31.14 20.00 -7.70
C VAL A 167 31.20 21.26 -8.56
N PHE A 168 32.08 21.22 -9.57
CA PHE A 168 32.22 22.30 -10.53
C PHE A 168 31.95 21.77 -11.92
N TRP A 169 31.39 22.62 -12.78
CA TRP A 169 30.95 22.19 -14.09
C TRP A 169 30.98 23.35 -15.06
N THR A 170 31.48 23.10 -16.27
CA THR A 170 31.53 24.10 -17.32
C THR A 170 30.47 23.77 -18.37
N GLU A 171 29.81 24.80 -18.88
CA GLU A 171 28.66 24.61 -19.76
C GLU A 171 29.07 24.07 -21.12
N GLY A 172 28.34 23.07 -21.59
CA GLY A 172 28.62 22.44 -22.86
C GLY A 172 29.17 21.03 -22.80
N ASN A 173 29.05 20.33 -21.67
CA ASN A 173 29.59 18.99 -21.52
C ASN A 173 28.53 18.01 -21.06
N ALA A 174 28.96 16.81 -20.67
CA ALA A 174 28.05 15.83 -20.08
C ALA A 174 27.59 16.33 -18.70
N PRO A 175 26.39 15.95 -18.27
CA PRO A 175 25.89 16.44 -16.98
C PRO A 175 26.64 15.80 -15.83
N PRO A 176 26.75 16.49 -14.69
CA PRO A 176 27.49 15.93 -13.55
C PRO A 176 26.69 14.87 -12.81
N ARG A 177 27.42 13.89 -12.28
CA ARG A 177 26.80 12.75 -11.64
C ARG A 177 27.68 12.24 -10.51
N MET A 178 27.05 11.79 -9.43
CA MET A 178 27.75 11.25 -8.27
C MET A 178 26.81 10.30 -7.55
N SER A 179 27.38 9.52 -6.62
CA SER A 179 26.66 8.52 -5.86
C SER A 179 26.59 8.92 -4.39
N ILE A 180 25.50 8.50 -3.74
CA ILE A 180 25.28 8.77 -2.32
C ILE A 180 24.90 7.45 -1.66
N PRO A 181 25.55 7.04 -0.57
CA PRO A 181 25.16 5.79 0.10
C PRO A 181 23.90 5.94 0.94
N PHE A 182 23.53 4.90 1.67
CA PHE A 182 22.37 4.93 2.55
C PHE A 182 22.72 5.74 3.79
N ILE A 183 22.43 7.03 3.76
CA ILE A 183 22.70 7.91 4.90
C ILE A 183 21.43 8.01 5.73
N SER A 184 21.44 7.36 6.89
CA SER A 184 20.30 7.44 7.79
C SER A 184 20.77 7.14 9.20
N ILE A 185 19.92 7.50 10.15
CA ILE A 185 20.20 7.23 11.55
C ILE A 185 19.54 5.94 11.99
N GLY A 186 18.35 5.66 11.47
CA GLY A 186 17.66 4.41 11.71
C GLY A 186 18.13 3.30 10.79
N ASN A 187 17.30 2.29 10.66
CA ASN A 187 17.62 1.12 9.84
C ASN A 187 16.95 1.15 8.48
N ALA A 188 16.07 2.12 8.24
CA ALA A 188 15.39 2.29 6.97
C ALA A 188 14.82 3.70 6.92
N TYR A 189 14.58 4.19 5.71
CA TYR A 189 13.83 5.44 5.55
C TYR A 189 12.37 5.19 5.87
N SER A 190 11.70 6.22 6.36
CA SER A 190 10.31 6.12 6.76
C SER A 190 9.49 7.11 5.94
N CYS A 191 8.52 6.59 5.18
CA CYS A 191 7.65 7.45 4.40
C CYS A 191 6.51 8.02 5.22
N PHE A 192 6.14 7.37 6.32
CA PHE A 192 5.03 7.78 7.17
C PHE A 192 5.46 7.70 8.62
N TYR A 193 5.10 8.73 9.39
CA TYR A 193 5.40 8.77 10.82
C TYR A 193 4.15 9.23 11.55
N ASP A 194 3.62 8.37 12.41
CA ASP A 194 2.40 8.66 13.16
C ASP A 194 2.80 9.07 14.58
N GLY A 195 3.22 10.31 14.72
CA GLY A 195 3.61 10.79 16.04
C GLY A 195 4.13 12.20 16.00
N TRP A 196 4.52 12.67 17.18
CA TRP A 196 5.01 14.02 17.41
C TRP A 196 6.51 14.00 17.64
N THR A 197 7.09 15.20 17.71
CA THR A 197 8.50 15.35 18.03
C THR A 197 8.73 15.71 19.49
N GLN A 198 7.75 16.26 20.18
CA GLN A 198 7.86 16.58 21.59
C GLN A 198 7.26 15.45 22.41
N PHE A 199 7.79 15.29 23.63
CA PHE A 199 7.23 14.29 24.54
C PHE A 199 5.94 14.76 25.18
N SER A 200 5.63 16.05 25.10
CA SER A 200 4.40 16.62 25.61
C SER A 200 3.26 16.57 24.62
N ARG A 201 3.50 16.01 23.43
CA ARG A 201 2.51 15.85 22.35
C ARG A 201 1.92 17.19 21.91
N ASN A 202 2.81 18.12 21.56
CA ASN A 202 2.42 19.41 21.05
C ASN A 202 3.24 19.72 19.81
N GLY A 203 2.75 20.67 19.02
CA GLY A 203 3.57 21.21 17.94
C GLY A 203 3.49 20.36 16.69
N VAL A 204 4.65 20.01 16.15
CA VAL A 204 4.76 19.40 14.84
C VAL A 204 4.32 17.95 14.92
N TYR A 205 3.40 17.56 14.02
CA TYR A 205 2.90 16.19 13.93
C TYR A 205 3.07 15.71 12.50
N GLY A 206 3.83 14.63 12.32
CA GLY A 206 3.90 14.03 11.02
C GLY A 206 5.33 13.70 10.63
N ILE A 207 5.56 13.67 9.32
CA ILE A 207 6.85 13.25 8.76
C ILE A 207 7.92 14.33 8.84
N ASN A 208 7.57 15.54 9.27
CA ASN A 208 8.57 16.61 9.36
C ASN A 208 9.52 16.41 10.55
N THR A 209 9.19 15.51 11.47
CA THR A 209 10.06 15.25 12.61
C THR A 209 11.23 14.35 12.26
N LEU A 210 11.20 13.69 11.11
CA LEU A 210 12.27 12.77 10.71
C LEU A 210 13.12 13.31 9.58
N ASN A 211 12.72 14.40 8.95
CA ASN A 211 13.42 14.94 7.78
C ASN A 211 14.55 15.85 8.25
N ASN A 212 15.79 15.36 8.11
CA ASN A 212 16.97 16.19 8.34
C ASN A 212 18.06 15.66 7.41
N MET A 213 18.17 16.25 6.22
CA MET A 213 19.11 15.77 5.21
C MET A 213 20.10 16.81 4.72
N GLY A 214 19.89 18.08 4.98
CA GLY A 214 20.82 19.11 4.57
C GLY A 214 20.21 20.06 3.54
N THR A 215 21.06 20.93 3.02
CA THR A 215 20.66 21.97 2.08
C THR A 215 21.66 21.97 0.94
N LEU A 216 21.20 22.33 -0.25
CA LEU A 216 21.99 22.31 -1.47
C LEU A 216 22.04 23.73 -2.05
N TYR A 217 23.24 24.24 -2.30
CA TYR A 217 23.43 25.62 -2.73
C TYR A 217 24.01 25.67 -4.14
N MET A 218 23.64 26.71 -4.90
CA MET A 218 24.00 26.85 -6.31
C MET A 218 24.39 28.29 -6.59
N ARG A 219 25.44 28.50 -7.40
CA ARG A 219 25.88 29.84 -7.75
C ARG A 219 26.66 29.83 -9.05
N HIS A 220 26.82 31.02 -9.63
CA HIS A 220 27.74 31.26 -10.73
C HIS A 220 29.13 31.54 -10.16
N VAL A 221 30.15 30.97 -10.78
CA VAL A 221 31.52 31.27 -10.35
C VAL A 221 32.10 32.46 -11.11
N ASN A 222 31.62 32.74 -12.32
CA ASN A 222 32.09 33.87 -13.10
C ASN A 222 31.56 35.19 -12.53
N GLU A 223 31.97 36.29 -13.15
CA GLU A 223 31.49 37.61 -12.77
C GLU A 223 30.54 38.13 -13.84
N ALA A 224 29.66 39.04 -13.43
CA ALA A 224 28.71 39.67 -14.34
C ALA A 224 29.46 40.63 -15.24
N GLY A 225 29.74 40.20 -16.46
CA GLY A 225 30.56 40.98 -17.37
C GLY A 225 29.91 42.22 -17.93
N GLN A 226 28.94 42.04 -18.84
CA GLN A 226 28.24 43.16 -19.44
C GLN A 226 26.75 42.91 -19.64
N GLY A 227 26.24 41.75 -19.22
CA GLY A 227 24.86 41.42 -19.41
C GLY A 227 24.40 40.36 -18.44
N PRO A 228 23.19 40.53 -17.89
CA PRO A 228 22.66 39.55 -16.94
C PRO A 228 22.35 38.22 -17.60
N ILE A 229 22.49 37.15 -16.81
CA ILE A 229 22.28 35.78 -17.26
C ILE A 229 21.50 35.06 -16.17
N LYS A 230 20.41 34.38 -16.55
CA LYS A 230 19.56 33.67 -15.61
C LYS A 230 19.67 32.18 -15.89
N SER A 231 20.11 31.41 -14.90
CA SER A 231 20.32 29.98 -15.04
C SER A 231 19.26 29.20 -14.28
N THR A 232 19.14 27.92 -14.62
CA THR A 232 18.19 27.02 -13.99
C THR A 232 18.81 25.63 -13.87
N VAL A 233 18.79 25.07 -12.67
CA VAL A 233 19.27 23.72 -12.43
C VAL A 233 18.07 22.81 -12.24
N ARG A 234 18.23 21.54 -12.60
CA ARG A 234 17.20 20.52 -12.40
C ARG A 234 17.83 19.30 -11.76
N ILE A 235 17.15 18.72 -10.78
CA ILE A 235 17.72 17.66 -9.94
C ILE A 235 16.96 16.36 -10.20
N TYR A 236 17.70 15.25 -10.33
CA TYR A 236 17.13 13.95 -10.67
C TYR A 236 17.59 12.90 -9.68
N PHE A 237 16.66 12.10 -9.18
CA PHE A 237 16.92 11.05 -8.20
C PHE A 237 16.81 9.68 -8.87
N LYS A 238 17.65 8.75 -8.43
CA LYS A 238 17.63 7.38 -8.96
C LYS A 238 18.05 6.41 -7.86
N PRO A 239 17.10 5.67 -7.28
CA PRO A 239 17.44 4.74 -6.19
C PRO A 239 18.07 3.47 -6.73
N LYS A 240 19.17 3.05 -6.10
CA LYS A 240 19.84 1.79 -6.40
C LYS A 240 19.92 0.94 -5.15
N HIS A 241 19.96 -0.38 -5.35
CA HIS A 241 20.07 -1.40 -4.30
C HIS A 241 18.92 -1.29 -3.30
N VAL A 242 17.71 -1.52 -3.79
CA VAL A 242 16.49 -1.19 -3.07
C VAL A 242 16.00 -2.39 -2.27
N LYS A 243 15.60 -2.14 -1.03
CA LYS A 243 14.82 -3.08 -0.23
C LYS A 243 13.55 -2.37 0.24
N ALA A 244 12.47 -3.13 0.39
CA ALA A 244 11.18 -2.53 0.69
C ALA A 244 10.40 -3.45 1.61
N TRP A 245 9.58 -2.84 2.48
CA TRP A 245 8.81 -3.57 3.49
C TRP A 245 7.43 -2.95 3.63
N VAL A 246 6.46 -3.77 4.02
CA VAL A 246 5.10 -3.40 4.41
C VAL A 246 4.39 -2.58 3.34
N PRO A 247 3.84 -3.20 2.31
CA PRO A 247 3.15 -2.45 1.25
C PRO A 247 1.88 -1.77 1.75
N ARG A 248 1.33 -0.92 0.89
CA ARG A 248 0.40 0.12 1.29
C ARG A 248 -0.55 0.39 0.13
N PRO A 249 -1.79 0.82 0.40
CA PRO A 249 -2.68 1.19 -0.70
C PRO A 249 -2.20 2.45 -1.39
N PRO A 250 -2.46 2.60 -2.69
CA PRO A 250 -2.06 3.82 -3.38
C PRO A 250 -2.98 4.98 -3.03
N ARG A 251 -2.45 6.19 -3.25
CA ARG A 251 -3.17 7.40 -2.88
C ARG A 251 -4.29 7.68 -3.86
N LEU A 252 -5.47 8.02 -3.33
CA LEU A 252 -6.65 8.31 -4.14
C LEU A 252 -6.80 9.80 -4.41
N CYS A 253 -6.79 10.62 -3.37
CA CYS A 253 -7.01 12.04 -3.51
C CYS A 253 -5.75 12.74 -4.04
N GLN A 254 -5.87 14.01 -4.36
CA GLN A 254 -4.73 14.79 -4.82
C GLN A 254 -3.98 15.36 -3.64
N TYR A 255 -2.67 15.48 -3.80
CA TYR A 255 -1.84 16.08 -2.76
C TYR A 255 -2.06 17.59 -2.71
N GLU A 256 -2.00 18.14 -1.50
CA GLU A 256 -2.26 19.55 -1.30
C GLU A 256 -1.07 20.29 -0.71
N LYS A 257 -0.41 19.72 0.28
CA LYS A 257 0.74 20.32 0.93
C LYS A 257 1.94 19.38 0.83
N GLN A 258 3.04 19.80 1.44
CA GLN A 258 4.29 19.05 1.46
C GLN A 258 4.58 18.41 2.80
N LYS A 259 4.21 19.07 3.89
CA LYS A 259 4.59 18.61 5.22
C LYS A 259 3.65 17.54 5.76
N ASN A 260 2.41 17.48 5.29
CA ASN A 260 1.40 16.61 5.88
C ASN A 260 0.56 15.95 4.78
N VAL A 261 -0.46 15.19 5.20
CA VAL A 261 -1.23 14.36 4.29
C VAL A 261 -2.67 14.83 4.17
N ASN A 262 -2.89 16.14 4.34
CA ASN A 262 -4.22 16.71 4.28
C ASN A 262 -4.79 16.66 2.87
N PHE A 263 -6.10 16.42 2.79
CA PHE A 263 -6.76 16.19 1.51
C PHE A 263 -8.17 16.75 1.55
N SER A 264 -8.82 16.74 0.39
CA SER A 264 -10.25 16.96 0.25
C SER A 264 -10.90 15.68 -0.23
N PRO A 265 -12.04 15.28 0.34
CA PRO A 265 -12.60 13.96 0.02
C PRO A 265 -13.17 13.89 -1.38
N ILE A 266 -13.08 12.69 -1.97
CA ILE A 266 -13.47 12.46 -3.36
C ILE A 266 -14.07 11.06 -3.44
N GLY A 267 -14.82 10.81 -4.51
CA GLY A 267 -15.44 9.52 -4.69
C GLY A 267 -14.44 8.42 -5.01
N VAL A 268 -14.88 7.18 -4.85
CA VAL A 268 -13.94 6.06 -5.00
C VAL A 268 -13.63 5.76 -6.46
N THR A 269 -14.60 5.93 -7.36
CA THR A 269 -14.40 5.77 -8.79
C THR A 269 -15.19 6.85 -9.51
N THR A 270 -15.32 6.70 -10.82
CA THR A 270 -16.29 7.46 -11.59
C THR A 270 -17.54 6.62 -11.78
N SER A 271 -18.63 7.28 -12.14
CA SER A 271 -19.94 6.65 -12.12
C SER A 271 -20.34 6.13 -13.49
N ARG A 272 -21.36 5.27 -13.48
CA ARG A 272 -22.02 4.82 -14.70
C ARG A 272 -23.53 4.93 -14.47
N THR A 273 -24.30 4.62 -15.51
CA THR A 273 -25.72 4.93 -15.47
C THR A 273 -26.59 3.79 -14.93
N ASP A 274 -26.06 2.57 -14.87
CA ASP A 274 -26.82 1.44 -14.35
C ASP A 274 -25.83 0.39 -13.87
N ILE A 275 -26.36 -0.60 -13.13
CA ILE A 275 -25.51 -1.69 -12.65
C ILE A 275 -25.30 -2.74 -13.74
N ILE A 276 -26.15 -2.78 -14.76
CA ILE A 276 -26.03 -3.74 -15.84
C ILE A 276 -25.46 -3.12 -17.11
N THR A 277 -24.97 -1.89 -17.02
CA THR A 277 -24.41 -1.21 -18.19
C THR A 277 -23.05 -1.79 -18.54
N THR A 278 -22.92 -2.27 -19.77
CA THR A 278 -21.64 -2.75 -20.28
C THR A 278 -21.03 -1.73 -21.23
N SER B 10 -13.15 -30.46 13.80
CA SER B 10 -13.86 -29.19 13.86
C SER B 10 -12.89 -28.04 14.13
N ASP B 11 -12.77 -27.16 13.15
CA ASP B 11 -11.90 -26.00 13.22
C ASP B 11 -12.55 -24.82 13.96
N ARG B 12 -13.78 -25.00 14.41
CA ARG B 12 -14.61 -23.90 14.87
C ARG B 12 -14.33 -23.46 16.30
N VAL B 13 -13.43 -24.13 17.02
CA VAL B 13 -13.18 -23.82 18.43
C VAL B 13 -11.71 -23.46 18.61
N ARG B 14 -11.46 -22.46 19.45
CA ARG B 14 -10.11 -22.09 19.87
C ARG B 14 -10.09 -21.99 21.39
N SER B 15 -8.88 -21.79 21.93
CA SER B 15 -8.67 -21.48 23.34
C SER B 15 -7.31 -20.82 23.45
N ILE B 16 -7.30 -19.56 23.88
CA ILE B 16 -6.07 -18.79 24.03
C ILE B 16 -5.83 -18.54 25.51
N THR B 17 -4.62 -18.84 25.97
CA THR B 17 -4.25 -18.73 27.38
C THR B 17 -3.03 -17.85 27.49
N LEU B 18 -3.15 -16.77 28.27
CA LEU B 18 -2.05 -15.81 28.45
C LEU B 18 -2.11 -15.29 29.87
N GLY B 19 -1.18 -15.73 30.70
CA GLY B 19 -1.16 -15.28 32.09
C GLY B 19 -2.23 -15.93 32.93
N ASN B 20 -3.11 -15.12 33.52
CA ASN B 20 -4.23 -15.61 34.32
C ASN B 20 -5.56 -15.37 33.62
N SER B 21 -5.57 -15.35 32.29
CA SER B 21 -6.76 -15.04 31.52
C SER B 21 -6.90 -16.02 30.37
N THR B 22 -8.13 -16.27 29.95
CA THR B 22 -8.43 -17.26 28.94
C THR B 22 -9.60 -16.77 28.09
N ILE B 23 -9.51 -16.97 26.78
CA ILE B 23 -10.60 -16.70 25.85
C ILE B 23 -11.06 -18.04 25.27
N THR B 24 -12.37 -18.25 25.22
CA THR B 24 -12.96 -19.43 24.62
C THR B 24 -13.96 -19.01 23.55
N THR B 25 -13.94 -19.71 22.42
CA THR B 25 -14.78 -19.37 21.28
C THR B 25 -15.35 -20.63 20.68
N GLN B 26 -16.64 -20.60 20.34
CA GLN B 26 -17.31 -21.74 19.76
C GLN B 26 -17.64 -21.56 18.28
N GLU B 27 -17.39 -20.39 17.73
CA GLU B 27 -17.74 -20.07 16.35
C GLU B 27 -16.68 -19.09 15.85
N CYS B 28 -15.74 -19.59 15.06
CA CYS B 28 -14.60 -18.78 14.72
C CYS B 28 -14.03 -19.17 13.35
N ALA B 29 -13.35 -18.21 12.75
CA ALA B 29 -12.53 -18.45 11.57
C ALA B 29 -11.14 -18.87 12.03
N ASN B 30 -10.17 -18.83 11.14
CA ASN B 30 -8.80 -19.18 11.52
C ASN B 30 -8.16 -18.02 12.28
N VAL B 31 -6.89 -18.17 12.64
CA VAL B 31 -6.12 -17.13 13.30
C VAL B 31 -5.14 -16.56 12.28
N VAL B 32 -5.15 -15.25 12.10
CA VAL B 32 -4.26 -14.59 11.17
C VAL B 32 -2.99 -14.19 11.91
N VAL B 33 -1.84 -14.62 11.41
CA VAL B 33 -0.57 -14.31 12.06
C VAL B 33 0.21 -13.35 11.19
N GLY B 34 0.03 -12.04 11.46
CA GLY B 34 0.85 -10.95 10.98
C GLY B 34 1.29 -10.94 9.53
N TYR B 35 2.60 -11.02 9.32
CA TYR B 35 3.20 -11.24 8.02
C TYR B 35 3.91 -12.58 7.99
N GLY B 36 3.33 -13.57 8.65
CA GLY B 36 3.95 -14.86 8.82
C GLY B 36 4.92 -14.95 9.98
N VAL B 37 5.08 -13.90 10.76
CA VAL B 37 6.06 -13.83 11.84
C VAL B 37 5.31 -13.83 13.17
N TRP B 38 5.82 -14.64 14.13
CA TRP B 38 5.37 -14.71 15.51
C TRP B 38 6.21 -13.78 16.38
N PRO B 39 5.63 -13.16 17.40
CA PRO B 39 6.39 -12.25 18.27
C PRO B 39 7.49 -12.98 19.04
N GLU B 40 8.57 -12.24 19.33
CA GLU B 40 9.76 -12.81 19.93
C GLU B 40 10.55 -11.67 20.58
N TYR B 41 11.49 -12.03 21.45
CA TYR B 41 12.32 -11.04 22.13
C TYR B 41 13.45 -10.56 21.22
N LEU B 42 14.07 -9.46 21.61
CA LEU B 42 15.14 -8.86 20.81
C LEU B 42 16.42 -9.66 20.94
N LYS B 43 17.12 -9.82 19.83
CA LYS B 43 18.35 -10.60 19.78
C LYS B 43 19.56 -9.74 20.10
N ASP B 44 20.71 -10.38 20.21
CA ASP B 44 21.95 -9.70 20.54
C ASP B 44 22.58 -8.99 19.35
N ASN B 45 22.18 -9.36 18.13
CA ASN B 45 22.71 -8.72 16.94
C ASN B 45 22.01 -7.42 16.58
N GLU B 46 20.77 -7.24 17.01
CA GLU B 46 19.98 -6.08 16.67
C GLU B 46 19.90 -5.04 17.78
N ALA B 47 20.43 -5.36 18.96
CA ALA B 47 20.31 -4.46 20.10
C ALA B 47 21.25 -3.27 19.97
N THR B 48 20.79 -2.11 20.45
CA THR B 48 21.63 -0.92 20.54
C THR B 48 21.72 -0.39 21.96
N ALA B 49 20.63 -0.38 22.73
CA ALA B 49 20.69 0.03 24.12
C ALA B 49 21.34 -1.06 24.94
N GLU B 50 22.33 -0.69 25.73
CA GLU B 50 23.30 -1.64 26.25
C GLU B 50 23.12 -1.99 27.72
N ASP B 51 22.03 -1.55 28.34
CA ASP B 51 21.74 -1.99 29.71
C ASP B 51 20.67 -3.06 29.67
N GLN B 52 20.50 -3.73 30.81
CA GLN B 52 19.68 -4.93 30.84
C GLN B 52 18.19 -4.58 30.83
N PRO B 53 17.40 -5.21 29.97
CA PRO B 53 15.97 -4.89 29.92
C PRO B 53 15.17 -5.64 30.99
N THR B 54 13.95 -5.16 31.19
CA THR B 54 13.03 -5.71 32.18
C THR B 54 11.94 -6.50 31.46
N GLN B 55 11.70 -7.73 31.90
CA GLN B 55 10.69 -8.60 31.31
C GLN B 55 9.80 -9.14 32.42
N PRO B 56 8.68 -8.48 32.70
CA PRO B 56 7.78 -8.97 33.78
C PRO B 56 7.03 -10.23 33.41
N ASP B 57 6.48 -10.25 32.19
CA ASP B 57 6.04 -11.38 31.37
C ASP B 57 4.82 -12.16 31.86
N VAL B 58 4.28 -11.87 33.03
CA VAL B 58 2.97 -12.40 33.40
C VAL B 58 2.09 -11.27 33.90
N ALA B 59 2.72 -10.19 34.37
CA ALA B 59 1.97 -9.05 34.87
C ALA B 59 1.54 -8.11 33.77
N THR B 60 2.18 -8.17 32.60
CA THR B 60 1.86 -7.32 31.47
C THR B 60 1.27 -8.09 30.30
N CYS B 61 1.72 -9.32 30.07
CA CYS B 61 1.26 -10.11 28.93
C CYS B 61 0.01 -10.86 29.34
N ARG B 62 -1.13 -10.16 29.28
CA ARG B 62 -2.43 -10.74 29.63
C ARG B 62 -3.49 -9.92 28.91
N PHE B 63 -4.73 -10.40 28.97
CA PHE B 63 -5.83 -9.83 28.19
C PHE B 63 -6.45 -8.65 28.93
N TYR B 64 -6.42 -7.48 28.30
CA TYR B 64 -7.09 -6.28 28.80
C TYR B 64 -8.26 -5.95 27.90
N THR B 65 -9.42 -5.67 28.49
CA THR B 65 -10.63 -5.42 27.74
C THR B 65 -10.97 -3.94 27.77
N LEU B 66 -11.17 -3.35 26.59
CA LEU B 66 -11.54 -1.96 26.47
C LEU B 66 -13.05 -1.81 26.67
N GLU B 67 -13.56 -0.62 26.38
CA GLU B 67 -15.00 -0.37 26.49
C GLU B 67 -15.73 -1.01 25.31
N SER B 68 -17.06 -0.90 25.34
CA SER B 68 -17.92 -1.46 24.31
C SER B 68 -18.62 -0.34 23.56
N VAL B 69 -18.85 -0.56 22.28
CA VAL B 69 -19.54 0.38 21.42
C VAL B 69 -20.80 -0.28 20.89
N GLN B 70 -21.80 0.53 20.57
CA GLN B 70 -23.07 0.03 20.06
C GLN B 70 -23.08 0.12 18.54
N TRP B 71 -23.38 -1.01 17.89
CA TRP B 71 -23.54 -1.06 16.45
C TRP B 71 -24.96 -0.65 16.10
N MET B 72 -25.14 0.58 15.62
CA MET B 72 -26.43 1.07 15.20
C MET B 72 -26.63 0.80 13.72
N LYS B 73 -27.79 1.22 13.21
CA LYS B 73 -28.06 1.05 11.78
C LYS B 73 -27.34 2.08 10.93
N ASN B 74 -27.30 3.33 11.40
CA ASN B 74 -26.58 4.40 10.70
C ASN B 74 -25.20 4.56 11.33
N SER B 75 -24.43 3.48 11.31
CA SER B 75 -23.14 3.44 11.96
C SER B 75 -22.05 3.38 10.91
N ALA B 76 -20.97 4.12 11.13
CA ALA B 76 -19.95 4.35 10.12
C ALA B 76 -18.62 3.68 10.40
N GLY B 77 -18.19 3.59 11.64
CA GLY B 77 -16.92 2.95 11.95
C GLY B 77 -16.34 3.51 13.23
N TRP B 78 -15.26 2.85 13.68
CA TRP B 78 -14.54 3.22 14.90
C TRP B 78 -13.07 2.92 14.71
N TRP B 79 -12.21 3.59 15.48
CA TRP B 79 -10.79 3.29 15.45
C TRP B 79 -10.17 3.48 16.82
N TRP B 80 -9.02 2.83 17.03
CA TRP B 80 -8.24 2.89 18.25
C TRP B 80 -6.76 2.99 17.89
N LYS B 81 -6.03 3.81 18.63
CA LYS B 81 -4.56 3.84 18.53
C LYS B 81 -3.97 2.92 19.58
N LEU B 82 -3.09 2.02 19.16
CA LEU B 82 -2.92 0.81 19.95
C LEU B 82 -1.99 0.90 21.16
N PRO B 83 -0.78 1.55 21.12
CA PRO B 83 -0.08 1.74 22.40
C PRO B 83 -0.52 3.00 23.12
N ASP B 84 -1.81 3.27 23.13
CA ASP B 84 -2.40 4.40 23.83
C ASP B 84 -3.66 4.06 24.58
N ALA B 85 -4.43 3.06 24.13
CA ALA B 85 -5.60 2.62 24.89
C ALA B 85 -5.19 1.83 26.13
N LEU B 86 -4.04 1.17 26.07
CA LEU B 86 -3.50 0.44 27.21
C LEU B 86 -2.55 1.28 28.05
N SER B 87 -2.73 2.60 28.08
CA SER B 87 -1.84 3.47 28.83
C SER B 87 -2.28 3.68 30.27
N GLN B 88 -3.44 3.16 30.67
CA GLN B 88 -3.88 3.21 32.06
C GLN B 88 -4.37 1.84 32.51
N MET B 89 -3.84 0.77 31.93
CA MET B 89 -4.33 -0.58 32.15
C MET B 89 -3.30 -1.38 32.96
N GLY B 90 -3.49 -1.43 34.27
CA GLY B 90 -2.75 -2.37 35.09
C GLY B 90 -1.29 -2.00 35.24
N LEU B 91 -0.44 -3.02 35.22
CA LEU B 91 1.00 -2.84 35.30
C LEU B 91 1.65 -2.65 33.93
N PHE B 92 0.88 -2.73 32.85
CA PHE B 92 1.41 -2.38 31.53
C PHE B 92 1.56 -0.87 31.41
N GLY B 93 0.56 -0.12 31.86
CA GLY B 93 0.62 1.32 31.80
C GLY B 93 1.48 1.98 32.84
N GLN B 94 1.97 1.23 33.82
CA GLN B 94 2.89 1.77 34.80
C GLN B 94 4.35 1.61 34.39
N ASN B 95 4.65 0.57 33.62
CA ASN B 95 5.99 0.41 33.08
C ASN B 95 6.27 1.39 31.95
N MET B 96 5.23 1.88 31.28
CA MET B 96 5.41 2.86 30.21
C MET B 96 5.77 4.23 30.77
N GLN B 97 5.35 4.51 32.01
CA GLN B 97 5.60 5.83 32.58
C GLN B 97 6.99 5.95 33.18
N TYR B 98 7.56 4.84 33.65
CA TYR B 98 8.85 4.89 34.31
C TYR B 98 10.01 4.59 33.37
N HIS B 99 9.74 4.09 32.18
CA HIS B 99 10.78 3.74 31.22
C HIS B 99 10.75 4.67 30.03
N TYR B 100 11.84 4.64 29.27
CA TYR B 100 12.01 5.49 28.10
C TYR B 100 11.83 4.75 26.79
N LEU B 101 12.19 3.47 26.74
CA LEU B 101 12.06 2.66 25.53
C LEU B 101 11.11 1.50 25.77
N GLY B 102 10.86 0.72 24.72
CA GLY B 102 9.99 -0.44 24.82
C GLY B 102 9.56 -1.01 23.48
N ARG B 103 9.32 -2.31 23.42
CA ARG B 103 8.82 -2.96 22.21
C ARG B 103 7.85 -4.06 22.59
N THR B 104 6.79 -4.21 21.80
CA THR B 104 5.68 -5.09 22.15
C THR B 104 5.05 -5.66 20.89
N GLY B 105 4.64 -6.93 20.95
CA GLY B 105 3.72 -7.50 19.99
C GLY B 105 2.34 -7.63 20.62
N TYR B 106 1.33 -7.84 19.78
CA TYR B 106 -0.04 -7.79 20.25
C TYR B 106 -0.83 -9.01 19.80
N THR B 107 -1.95 -9.25 20.50
CA THR B 107 -2.96 -10.22 20.12
C THR B 107 -4.31 -9.56 20.31
N ILE B 108 -5.06 -9.38 19.23
CA ILE B 108 -6.33 -8.68 19.24
C ILE B 108 -7.44 -9.68 19.03
N HIS B 109 -8.53 -9.53 19.80
CA HIS B 109 -9.70 -10.39 19.68
C HIS B 109 -10.94 -9.50 19.71
N VAL B 110 -11.53 -9.27 18.55
CA VAL B 110 -12.78 -8.53 18.40
C VAL B 110 -13.92 -9.53 18.42
N GLN B 111 -14.99 -9.21 19.14
CA GLN B 111 -16.06 -10.16 19.36
C GLN B 111 -17.42 -9.48 19.33
N CYS B 112 -18.35 -10.09 18.61
CA CYS B 112 -19.68 -9.55 18.39
C CYS B 112 -20.61 -10.71 18.07
N ASN B 113 -21.67 -10.87 18.83
CA ASN B 113 -22.62 -11.95 18.62
C ASN B 113 -24.00 -11.41 18.31
N ALA B 114 -24.70 -12.09 17.41
CA ALA B 114 -26.11 -11.84 17.14
C ALA B 114 -26.72 -13.15 16.67
N SER B 115 -28.04 -13.13 16.47
CA SER B 115 -28.79 -14.35 16.21
C SER B 115 -28.68 -14.75 14.74
N LYS B 116 -29.50 -15.72 14.33
CA LYS B 116 -29.61 -16.13 12.95
C LYS B 116 -30.63 -15.31 12.17
N PHE B 117 -31.17 -14.26 12.79
CA PHE B 117 -32.17 -13.41 12.17
C PHE B 117 -31.65 -12.01 11.92
N HIS B 118 -30.38 -11.75 12.23
CA HIS B 118 -29.68 -10.51 11.98
C HIS B 118 -28.73 -10.67 10.81
N GLN B 119 -28.25 -9.54 10.27
CA GLN B 119 -27.28 -9.56 9.20
C GLN B 119 -26.36 -8.36 9.33
N GLY B 120 -25.25 -8.41 8.60
CA GLY B 120 -24.25 -7.37 8.62
C GLY B 120 -22.86 -7.95 8.48
N CYS B 121 -21.90 -7.08 8.15
CA CYS B 121 -20.52 -7.50 7.94
C CYS B 121 -19.58 -6.41 8.43
N LEU B 122 -18.48 -6.82 9.06
CA LEU B 122 -17.48 -5.91 9.58
C LEU B 122 -16.11 -6.27 9.02
N LEU B 123 -15.28 -5.26 8.78
CA LEU B 123 -13.89 -5.45 8.40
C LEU B 123 -13.00 -5.02 9.56
N VAL B 124 -12.12 -5.90 10.00
CA VAL B 124 -11.24 -5.64 11.12
C VAL B 124 -9.82 -5.72 10.58
N VAL B 125 -9.19 -4.56 10.37
CA VAL B 125 -7.83 -4.49 9.85
C VAL B 125 -6.93 -3.92 10.93
N CYS B 126 -5.62 -3.98 10.69
CA CYS B 126 -4.63 -3.38 11.56
C CYS B 126 -3.58 -2.68 10.72
N VAL B 127 -3.51 -1.36 10.82
CA VAL B 127 -2.75 -0.50 9.91
C VAL B 127 -1.51 0.01 10.64
N PRO B 128 -0.30 -0.33 10.20
CA PRO B 128 0.90 0.29 10.77
C PRO B 128 1.13 1.69 10.21
N GLU B 129 1.41 2.63 11.11
CA GLU B 129 1.69 4.05 10.81
C GLU B 129 0.55 4.71 10.04
N ALA B 130 -0.64 4.68 10.64
CA ALA B 130 -1.83 5.24 10.02
C ALA B 130 -1.90 6.73 10.34
N GLU B 131 -1.12 7.51 9.59
CA GLU B 131 -1.13 8.96 9.75
C GLU B 131 -2.39 9.53 9.13
N MET B 132 -3.08 10.39 9.88
CA MET B 132 -4.38 10.90 9.48
C MET B 132 -4.28 12.39 9.14
N GLY B 133 -5.33 12.90 8.51
CA GLY B 133 -5.37 14.26 8.03
C GLY B 133 -6.34 15.15 8.79
N CYS B 134 -6.32 16.42 8.43
CA CYS B 134 -7.10 17.46 9.08
C CYS B 134 -8.17 18.00 8.15
N SER B 135 -9.18 18.63 8.74
CA SER B 135 -10.29 19.18 7.97
C SER B 135 -9.94 20.57 7.42
N ASN B 136 -9.22 21.37 8.19
CA ASN B 136 -8.63 22.59 7.67
C ASN B 136 -7.30 22.23 7.01
N LEU B 137 -7.11 22.70 5.77
CA LEU B 137 -6.01 22.22 4.94
C LEU B 137 -4.64 22.72 5.36
N ASN B 138 -4.57 23.70 6.26
CA ASN B 138 -3.29 24.25 6.69
C ASN B 138 -2.74 23.59 7.94
N ASN B 139 -3.61 23.23 8.89
CA ASN B 139 -3.16 22.72 10.17
C ASN B 139 -3.04 21.20 10.15
N THR B 140 -2.68 20.65 11.31
CA THR B 140 -2.64 19.23 11.62
C THR B 140 -3.56 18.97 12.81
N PRO B 141 -4.14 17.78 12.93
CA PRO B 141 -5.09 17.55 14.04
C PRO B 141 -4.39 17.46 15.39
N GLU B 142 -5.03 18.02 16.40
CA GLU B 142 -4.49 17.98 17.74
C GLU B 142 -4.77 16.63 18.39
N PHE B 143 -4.24 16.46 19.60
CA PHE B 143 -4.11 15.13 20.20
C PHE B 143 -5.44 14.57 20.67
N SER B 144 -6.38 15.44 21.08
CA SER B 144 -7.63 14.98 21.68
C SER B 144 -8.55 14.31 20.67
N GLU B 145 -8.43 14.66 19.39
CA GLU B 145 -9.22 14.03 18.34
C GLU B 145 -8.56 12.81 17.73
N LEU B 146 -7.25 12.70 17.81
CA LEU B 146 -6.55 11.59 17.17
C LEU B 146 -6.68 10.30 17.97
N SER B 147 -6.84 10.40 19.28
CA SER B 147 -6.92 9.21 20.11
C SER B 147 -7.67 9.52 21.40
N GLY B 148 -8.10 8.46 22.07
CA GLY B 148 -8.73 8.57 23.36
C GLY B 148 -8.26 7.45 24.27
N GLY B 149 -8.49 7.64 25.56
CA GLY B 149 -8.12 6.61 26.52
C GLY B 149 -9.16 5.51 26.58
N ASP B 150 -8.85 4.39 25.91
CA ASP B 150 -9.68 3.21 25.64
C ASP B 150 -11.14 3.54 25.31
N SER B 151 -11.34 4.59 24.53
CA SER B 151 -12.66 4.99 24.06
C SER B 151 -12.58 5.22 22.56
N ALA B 152 -13.58 4.75 21.83
CA ALA B 152 -13.51 4.77 20.38
C ALA B 152 -13.72 6.17 19.83
N ARG B 153 -12.92 6.50 18.83
CA ARG B 153 -13.19 7.65 17.97
C ARG B 153 -13.89 7.12 16.72
N MET B 154 -14.96 7.77 16.31
CA MET B 154 -15.81 7.23 15.27
C MET B 154 -15.74 8.04 14.00
N PHE B 155 -15.88 7.35 12.87
CA PHE B 155 -16.01 7.98 11.56
C PHE B 155 -17.41 8.55 11.40
N THR B 156 -17.64 9.24 10.29
CA THR B 156 -18.98 9.72 9.97
C THR B 156 -19.17 9.69 8.46
N ASP B 157 -20.43 9.52 8.05
CA ASP B 157 -20.77 9.40 6.64
C ASP B 157 -20.76 10.74 5.91
N THR B 158 -20.59 11.86 6.62
CA THR B 158 -20.55 13.17 6.01
C THR B 158 -19.12 13.67 5.97
N GLN B 159 -18.94 14.92 5.53
CA GLN B 159 -17.64 15.54 5.39
C GLN B 159 -17.54 16.71 6.37
N VAL B 160 -16.45 16.74 7.13
CA VAL B 160 -16.26 17.80 8.12
C VAL B 160 -15.88 19.09 7.40
N GLY B 161 -16.53 20.19 7.78
CA GLY B 161 -16.32 21.45 7.09
C GLY B 161 -15.00 22.10 7.43
N GLU B 162 -14.61 23.05 6.59
CA GLU B 162 -13.34 23.76 6.74
C GLU B 162 -13.41 24.85 7.81
N SER B 163 -14.62 25.17 8.30
CA SER B 163 -14.78 26.20 9.33
C SER B 163 -14.16 25.80 10.66
N ASN B 164 -13.99 24.50 10.90
CA ASN B 164 -13.25 24.04 12.06
C ASN B 164 -11.75 24.14 11.81
N ALA B 165 -10.98 24.21 12.90
CA ALA B 165 -9.54 24.46 12.79
C ALA B 165 -8.72 23.19 12.92
N LYS B 166 -8.85 22.48 14.05
CA LYS B 166 -8.03 21.29 14.32
C LYS B 166 -8.96 20.11 14.59
N LYS B 167 -9.42 19.47 13.52
CA LYS B 167 -10.28 18.30 13.60
C LYS B 167 -9.90 17.34 12.49
N VAL B 168 -10.11 16.05 12.74
CA VAL B 168 -9.75 15.02 11.78
C VAL B 168 -10.82 14.94 10.70
N GLN B 169 -10.39 14.76 9.45
CA GLN B 169 -11.32 14.50 8.35
C GLN B 169 -11.76 13.05 8.40
N THR B 170 -13.01 12.82 8.81
CA THR B 170 -13.48 11.49 9.15
C THR B 170 -14.51 10.94 8.16
N ALA B 171 -14.30 11.18 6.86
CA ALA B 171 -15.10 10.54 5.83
C ALA B 171 -14.68 9.08 5.69
N VAL B 172 -15.66 8.17 5.64
CA VAL B 172 -15.34 6.75 5.78
C VAL B 172 -14.74 6.20 4.50
N TRP B 173 -15.22 6.66 3.35
CA TRP B 173 -14.77 6.08 2.08
C TRP B 173 -13.36 6.49 1.71
N ASN B 174 -12.78 7.49 2.38
CA ASN B 174 -11.39 7.83 2.24
C ASN B 174 -10.52 7.28 3.37
N ALA B 175 -11.14 6.69 4.39
CA ALA B 175 -10.51 6.02 5.54
C ALA B 175 -9.62 6.94 6.36
N GLY B 176 -9.84 8.26 6.30
CA GLY B 176 -9.04 9.20 7.05
C GLY B 176 -7.65 9.47 6.51
N MET B 177 -7.17 8.69 5.54
CA MET B 177 -5.81 8.80 5.05
C MET B 177 -5.72 9.16 3.58
N GLY B 178 -6.83 9.38 2.90
CA GLY B 178 -6.79 9.75 1.50
C GLY B 178 -6.70 8.60 0.53
N VAL B 179 -6.94 7.37 0.97
CA VAL B 179 -6.84 6.20 0.12
C VAL B 179 -8.22 5.58 -0.05
N GLY B 180 -8.33 4.55 -0.88
CA GLY B 180 -9.59 3.86 -1.05
C GLY B 180 -9.85 2.87 0.08
N VAL B 181 -11.09 2.83 0.55
CA VAL B 181 -11.41 2.00 1.71
C VAL B 181 -11.48 0.53 1.31
N GLY B 182 -11.74 0.23 0.04
CA GLY B 182 -11.77 -1.15 -0.40
C GLY B 182 -10.40 -1.79 -0.52
N ASN B 183 -9.34 -1.00 -0.56
CA ASN B 183 -7.98 -1.51 -0.69
C ASN B 183 -7.30 -1.70 0.64
N LEU B 184 -8.03 -1.62 1.75
CA LEU B 184 -7.48 -1.82 3.08
C LEU B 184 -7.21 -3.29 3.39
N THR B 185 -7.55 -4.21 2.49
CA THR B 185 -7.32 -5.63 2.68
C THR B 185 -5.89 -6.06 2.35
N ILE B 186 -5.00 -5.11 2.07
CA ILE B 186 -3.59 -5.45 1.89
C ILE B 186 -2.88 -5.58 3.24
N PHE B 187 -3.45 -5.02 4.29
CA PHE B 187 -3.00 -5.17 5.67
C PHE B 187 -3.59 -6.45 6.24
N PRO B 188 -2.98 -7.01 7.30
CA PRO B 188 -3.55 -8.22 7.91
C PRO B 188 -4.92 -7.96 8.54
N HIS B 189 -5.89 -8.78 8.14
CA HIS B 189 -7.29 -8.48 8.42
C HIS B 189 -8.10 -9.77 8.49
N GLN B 190 -9.32 -9.64 9.02
CA GLN B 190 -10.34 -10.67 8.98
C GLN B 190 -11.69 -9.99 8.81
N TRP B 191 -12.72 -10.80 8.58
CA TRP B 191 -14.09 -10.31 8.49
C TRP B 191 -14.93 -10.94 9.59
N ILE B 192 -15.98 -10.23 10.00
CA ILE B 192 -17.01 -10.79 10.88
C ILE B 192 -18.31 -10.77 10.09
N ASN B 193 -18.75 -11.94 9.67
CA ASN B 193 -20.02 -12.12 8.98
C ASN B 193 -20.99 -12.78 9.95
N LEU B 194 -22.09 -12.10 10.27
CA LEU B 194 -23.04 -12.62 11.25
C LEU B 194 -23.76 -13.88 10.77
N ARG B 195 -23.71 -14.18 9.48
CA ARG B 195 -24.22 -15.43 8.97
C ARG B 195 -23.39 -16.61 9.44
N THR B 196 -22.06 -16.45 9.50
CA THR B 196 -21.17 -17.57 9.80
C THR B 196 -20.20 -17.33 10.94
N ASN B 197 -19.81 -16.10 11.23
CA ASN B 197 -18.69 -15.80 12.12
C ASN B 197 -19.19 -15.18 13.40
N ASN B 198 -18.32 -15.19 14.41
CA ASN B 198 -18.64 -14.60 15.71
C ASN B 198 -17.51 -13.74 16.25
N SER B 199 -16.29 -13.91 15.79
CA SER B 199 -15.14 -13.19 16.33
C SER B 199 -14.05 -13.13 15.27
N ALA B 200 -12.97 -12.42 15.60
CA ALA B 200 -11.81 -12.31 14.74
C ALA B 200 -10.57 -12.18 15.62
N THR B 201 -9.49 -12.87 15.23
CA THR B 201 -8.26 -12.89 16.02
C THR B 201 -7.08 -12.59 15.11
N LEU B 202 -6.30 -11.58 15.47
CA LEU B 202 -5.09 -11.20 14.74
C LEU B 202 -3.92 -11.17 15.69
N VAL B 203 -2.80 -11.74 15.27
CA VAL B 203 -1.54 -11.71 16.03
C VAL B 203 -0.56 -10.87 15.26
N MET B 204 -0.05 -9.80 15.88
CA MET B 204 0.81 -8.85 15.20
C MET B 204 2.19 -8.81 15.85
N PRO B 205 3.26 -8.89 15.08
CA PRO B 205 4.60 -8.72 15.67
C PRO B 205 4.98 -7.25 15.80
N TYR B 206 6.21 -6.98 16.19
CA TYR B 206 6.69 -5.61 16.32
C TYR B 206 7.19 -5.11 14.98
N ILE B 207 6.60 -4.01 14.49
CA ILE B 207 6.97 -3.44 13.20
C ILE B 207 7.41 -1.99 13.42
N ASN B 208 8.67 -1.71 13.12
CA ASN B 208 9.22 -0.37 13.20
C ASN B 208 10.49 -0.35 12.37
N SER B 209 11.02 0.84 12.15
CA SER B 209 12.32 1.00 11.49
C SER B 209 13.46 1.10 12.48
N VAL B 210 13.19 1.03 13.78
CA VAL B 210 14.19 1.06 14.85
C VAL B 210 13.90 -0.12 15.78
N PRO B 211 14.90 -0.66 16.50
CA PRO B 211 14.61 -1.83 17.35
C PRO B 211 13.78 -1.52 18.60
N MET B 212 13.82 -0.30 19.12
CA MET B 212 12.99 0.10 20.25
C MET B 212 12.48 1.50 20.00
N ASP B 213 11.42 1.90 20.72
CA ASP B 213 10.88 3.23 20.53
C ASP B 213 10.16 3.68 21.78
N ASN B 214 9.96 4.99 21.89
CA ASN B 214 9.20 5.56 22.98
C ASN B 214 7.70 5.43 22.69
N MET B 215 6.95 4.98 23.68
CA MET B 215 5.56 4.61 23.49
C MET B 215 4.59 5.74 23.78
N PHE B 216 5.08 6.95 24.07
CA PHE B 216 4.20 8.07 24.37
C PHE B 216 4.20 9.14 23.30
N ARG B 217 5.19 9.16 22.42
CA ARG B 217 5.23 10.09 21.32
C ARG B 217 4.95 9.43 19.98
N HIS B 218 4.73 8.12 19.95
CA HIS B 218 4.60 7.39 18.70
C HIS B 218 3.58 6.27 18.85
N ASN B 219 2.54 6.30 18.03
CA ASN B 219 1.60 5.19 17.91
C ASN B 219 1.90 4.45 16.62
N ASN B 220 2.29 3.19 16.71
CA ASN B 220 2.74 2.45 15.54
C ASN B 220 1.71 1.44 15.05
N LEU B 221 0.50 1.43 15.60
CA LEU B 221 -0.56 0.56 15.11
C LEU B 221 -1.90 1.27 15.25
N THR B 222 -2.85 0.86 14.41
CA THR B 222 -4.20 1.42 14.43
C THR B 222 -5.17 0.32 14.06
N LEU B 223 -6.19 0.12 14.89
CA LEU B 223 -7.19 -0.91 14.69
C LEU B 223 -8.49 -0.24 14.25
N MET B 224 -8.95 -0.56 13.04
CA MET B 224 -10.18 0.01 12.49
C MET B 224 -11.23 -1.06 12.32
N ILE B 225 -12.49 -0.71 12.59
CA ILE B 225 -13.63 -1.61 12.42
C ILE B 225 -14.66 -0.86 11.60
N ILE B 226 -14.89 -1.29 10.36
CA ILE B 226 -15.73 -0.58 9.41
C ILE B 226 -16.86 -1.50 8.97
N PRO B 227 -18.13 -1.09 9.11
CA PRO B 227 -19.25 -1.90 8.62
C PRO B 227 -19.49 -1.68 7.14
N PHE B 228 -19.18 -2.70 6.34
CA PHE B 228 -19.42 -2.59 4.91
C PHE B 228 -20.89 -2.83 4.57
N VAL B 229 -21.45 -3.93 5.05
CA VAL B 229 -22.88 -4.19 4.96
C VAL B 229 -23.52 -3.78 6.28
N PRO B 230 -24.50 -2.89 6.28
CA PRO B 230 -25.03 -2.37 7.54
C PRO B 230 -25.88 -3.38 8.28
N LEU B 231 -26.08 -3.12 9.56
CA LEU B 231 -26.84 -4.02 10.43
C LEU B 231 -28.33 -3.91 10.11
N ASN B 232 -28.97 -5.04 9.94
CA ASN B 232 -30.40 -5.08 9.64
C ASN B 232 -31.05 -6.23 10.39
N TYR B 233 -32.29 -6.00 10.83
CA TYR B 233 -33.09 -7.00 11.50
C TYR B 233 -34.56 -6.65 11.26
N SER B 234 -35.44 -7.51 11.74
CA SER B 234 -36.86 -7.28 11.57
C SER B 234 -37.47 -6.81 12.89
N GLU B 235 -38.78 -6.64 12.89
CA GLU B 235 -39.47 -6.10 14.06
C GLU B 235 -39.69 -7.21 15.08
N GLY B 236 -39.21 -6.98 16.31
CA GLY B 236 -39.29 -7.94 17.38
C GLY B 236 -37.94 -8.45 17.84
N SER B 237 -36.93 -8.40 16.98
CA SER B 237 -35.60 -8.85 17.33
C SER B 237 -34.90 -7.82 18.21
N SER B 238 -33.76 -8.21 18.76
CA SER B 238 -33.06 -7.38 19.73
C SER B 238 -32.38 -6.19 19.05
N PRO B 239 -32.66 -4.95 19.46
CA PRO B 239 -32.10 -3.80 18.76
C PRO B 239 -30.71 -3.38 19.22
N TYR B 240 -30.27 -3.86 20.39
CA TYR B 240 -28.99 -3.46 20.97
C TYR B 240 -27.95 -4.54 20.72
N VAL B 241 -26.94 -4.22 19.91
CA VAL B 241 -25.85 -5.14 19.59
C VAL B 241 -24.51 -4.49 19.93
N PRO B 242 -23.78 -4.97 20.92
CA PRO B 242 -22.49 -4.38 21.25
C PRO B 242 -21.33 -5.01 20.48
N ILE B 243 -20.20 -4.31 20.51
CA ILE B 243 -18.92 -4.80 19.98
C ILE B 243 -17.88 -4.60 21.08
N THR B 244 -17.08 -5.63 21.36
CA THR B 244 -16.09 -5.59 22.42
C THR B 244 -14.73 -6.00 21.87
N VAL B 245 -13.67 -5.29 22.31
CA VAL B 245 -12.31 -5.51 21.86
C VAL B 245 -11.45 -5.92 23.06
N THR B 246 -10.56 -6.89 22.85
CA THR B 246 -9.70 -7.41 23.90
C THR B 246 -8.29 -7.54 23.35
N ILE B 247 -7.32 -6.86 23.98
CA ILE B 247 -5.94 -6.80 23.49
C ILE B 247 -5.02 -7.36 24.56
N ALA B 248 -4.06 -8.18 24.13
CA ALA B 248 -3.05 -8.75 25.01
C ALA B 248 -1.65 -8.42 24.50
N PRO B 249 -0.80 -7.77 25.29
CA PRO B 249 0.60 -7.61 24.89
C PRO B 249 1.34 -8.93 24.87
N MET B 250 2.38 -9.01 24.05
CA MET B 250 3.12 -10.25 23.87
C MET B 250 4.60 -9.92 23.74
N CYS B 251 5.42 -10.53 24.62
CA CYS B 251 6.88 -10.42 24.62
C CYS B 251 7.35 -8.98 24.78
N ALA B 252 6.87 -8.32 25.82
CA ALA B 252 7.17 -6.92 26.06
C ALA B 252 8.41 -6.77 26.93
N GLU B 253 9.24 -5.79 26.61
CA GLU B 253 10.43 -5.47 27.38
C GLU B 253 10.69 -3.98 27.32
N TYR B 254 11.41 -3.46 28.32
CA TYR B 254 11.57 -2.04 28.52
C TYR B 254 13.01 -1.71 28.86
N ASN B 255 13.40 -0.46 28.64
CA ASN B 255 14.74 0.03 28.94
C ASN B 255 14.66 1.48 29.41
N GLY B 256 15.68 1.89 30.16
CA GLY B 256 15.82 3.29 30.54
C GLY B 256 14.98 3.79 31.69
N LEU B 257 15.22 3.27 32.90
CA LEU B 257 14.50 3.73 34.09
C LEU B 257 14.82 5.18 34.42
N ARG B 258 13.79 5.93 34.78
CA ARG B 258 13.91 7.33 35.19
C ARG B 258 12.68 7.66 36.03
N LEU B 259 12.43 8.95 36.23
CA LEU B 259 11.29 9.40 37.01
C LEU B 259 9.99 9.18 36.24
N ALA B 260 8.87 9.47 36.89
CA ALA B 260 7.58 8.90 36.53
C ALA B 260 6.91 9.54 35.33
N SER B 261 7.38 10.69 34.86
CA SER B 261 6.80 11.45 33.74
C SER B 261 5.31 11.75 33.88
N GLY C 1 49.37 6.99 -24.16
CA GLY C 1 48.32 7.46 -25.06
C GLY C 1 47.72 6.38 -25.93
N LEU C 2 46.77 5.64 -25.38
CA LEU C 2 46.08 4.62 -26.15
C LEU C 2 45.11 5.27 -27.14
N PRO C 3 45.11 4.83 -28.39
CA PRO C 3 44.21 5.45 -29.39
C PRO C 3 42.78 4.92 -29.26
N VAL C 4 41.83 5.84 -29.07
CA VAL C 4 40.42 5.53 -28.91
C VAL C 4 39.61 6.37 -29.89
N MET C 5 38.32 6.06 -29.98
CA MET C 5 37.42 6.73 -30.91
C MET C 5 36.01 6.73 -30.33
N THR C 6 35.38 7.90 -30.24
CA THR C 6 34.11 8.03 -29.55
C THR C 6 32.93 7.89 -30.49
N THR C 7 31.92 7.13 -30.07
CA THR C 7 30.79 6.74 -30.89
C THR C 7 29.61 7.67 -30.61
N PRO C 8 28.54 7.61 -31.43
CA PRO C 8 27.30 8.30 -31.06
C PRO C 8 26.69 7.74 -29.79
N GLY C 9 26.02 8.62 -29.05
CA GLY C 9 25.56 8.30 -27.72
C GLY C 9 26.50 8.75 -26.63
N SER C 10 27.43 9.65 -26.92
CA SER C 10 28.34 10.19 -25.93
C SER C 10 27.79 11.49 -25.39
N THR C 11 28.05 11.73 -24.10
CA THR C 11 27.60 12.92 -23.36
C THR C 11 26.10 13.10 -23.41
N GLN C 12 25.36 12.00 -23.28
CA GLN C 12 23.91 12.03 -23.25
C GLN C 12 23.43 11.51 -21.89
N PHE C 13 22.24 11.93 -21.51
CA PHE C 13 21.64 11.52 -20.25
C PHE C 13 20.37 10.74 -20.57
N LEU C 14 20.51 9.43 -20.68
CA LEU C 14 19.38 8.53 -20.78
C LEU C 14 18.94 8.15 -19.37
N THR C 15 17.67 8.38 -19.05
CA THR C 15 17.21 8.30 -17.67
C THR C 15 17.09 6.87 -17.15
N SER C 16 17.27 5.86 -17.99
CA SER C 16 17.25 4.46 -17.56
C SER C 16 18.56 3.76 -17.89
N ASP C 17 19.68 4.42 -17.64
CA ASP C 17 20.99 3.84 -17.90
C ASP C 17 21.47 3.02 -16.71
N ASP C 18 22.58 2.31 -16.91
CA ASP C 18 23.10 1.40 -15.88
C ASP C 18 24.62 1.52 -15.88
N PHE C 19 25.13 2.48 -15.10
CA PHE C 19 26.55 2.82 -15.10
C PHE C 19 27.03 2.93 -13.66
N GLN C 20 28.35 3.08 -13.51
CA GLN C 20 28.97 3.35 -12.23
C GLN C 20 29.34 4.83 -12.15
N SER C 21 29.35 5.35 -10.92
CA SER C 21 29.60 6.75 -10.68
C SER C 21 30.43 6.88 -9.41
N PRO C 22 31.29 7.90 -9.32
CA PRO C 22 32.11 8.06 -8.11
C PRO C 22 31.30 8.55 -6.93
N SER C 23 31.65 8.03 -5.76
CA SER C 23 30.92 8.36 -4.53
C SER C 23 31.33 9.72 -3.99
N ALA C 24 30.35 10.45 -3.45
CA ALA C 24 30.61 11.78 -2.91
C ALA C 24 31.01 11.77 -1.45
N MET C 25 30.73 10.68 -0.73
CA MET C 25 31.15 10.52 0.66
C MET C 25 31.91 9.20 0.76
N PRO C 26 33.23 9.24 0.64
CA PRO C 26 34.02 8.00 0.64
C PRO C 26 34.18 7.42 2.03
N GLN C 27 34.19 6.08 2.08
CA GLN C 27 34.38 5.27 3.29
C GLN C 27 33.33 5.58 4.35
N PHE C 28 32.08 5.34 3.99
CA PHE C 28 30.94 5.58 4.87
C PHE C 28 30.46 4.26 5.46
N ASP C 29 30.12 4.29 6.74
CA ASP C 29 29.66 3.11 7.47
C ASP C 29 28.14 3.22 7.59
N VAL C 30 27.42 2.39 6.85
CA VAL C 30 25.97 2.41 6.91
C VAL C 30 25.50 1.66 8.14
N THR C 31 24.26 1.95 8.55
CA THR C 31 23.66 1.26 9.69
C THR C 31 23.41 -0.19 9.30
N PRO C 32 23.67 -1.15 10.19
CA PRO C 32 23.45 -2.56 9.83
C PRO C 32 21.98 -2.88 9.64
N GLU C 33 21.74 -3.93 8.86
CA GLU C 33 20.38 -4.27 8.47
C GLU C 33 19.65 -4.99 9.58
N MET C 34 18.34 -4.80 9.63
CA MET C 34 17.47 -5.38 10.64
C MET C 34 16.40 -6.21 9.94
N GLN C 35 15.85 -7.19 10.65
CA GLN C 35 14.80 -8.05 10.12
C GLN C 35 13.46 -7.40 10.41
N ILE C 36 12.94 -6.65 9.43
CA ILE C 36 11.61 -6.04 9.52
C ILE C 36 10.63 -6.99 8.84
N PRO C 37 9.45 -7.24 9.40
CA PRO C 37 8.51 -8.17 8.77
C PRO C 37 7.81 -7.56 7.56
N GLY C 38 7.63 -8.39 6.53
CA GLY C 38 6.81 -8.01 5.40
C GLY C 38 7.56 -7.48 4.20
N ARG C 39 8.63 -8.17 3.80
CA ARG C 39 9.47 -7.68 2.71
C ARG C 39 8.86 -7.98 1.36
N VAL C 40 8.81 -6.98 0.50
CA VAL C 40 8.28 -7.10 -0.86
C VAL C 40 9.45 -7.27 -1.81
N ASN C 41 9.44 -8.35 -2.59
CA ASN C 41 10.45 -8.59 -3.61
C ASN C 41 9.95 -8.37 -5.02
N ASN C 42 8.66 -8.60 -5.27
CA ASN C 42 8.08 -8.47 -6.59
C ASN C 42 6.74 -7.75 -6.42
N LEU C 43 6.37 -6.97 -7.43
CA LEU C 43 5.09 -6.26 -7.37
C LEU C 43 3.90 -7.17 -7.60
N MET C 44 4.13 -8.40 -8.09
CA MET C 44 3.03 -9.32 -8.30
C MET C 44 2.50 -9.93 -7.02
N GLU C 45 3.26 -9.85 -5.92
CA GLU C 45 2.74 -10.31 -4.64
C GLU C 45 1.68 -9.37 -4.10
N ILE C 46 1.74 -8.10 -4.50
CA ILE C 46 0.73 -7.13 -4.09
C ILE C 46 -0.55 -7.33 -4.89
N ALA C 47 -0.43 -7.68 -6.17
CA ALA C 47 -1.58 -7.83 -7.05
C ALA C 47 -2.35 -9.12 -6.83
N GLU C 48 -1.79 -10.09 -6.11
CA GLU C 48 -2.45 -11.35 -5.84
C GLU C 48 -3.22 -11.35 -4.53
N VAL C 49 -3.64 -10.18 -4.06
CA VAL C 49 -4.38 -10.03 -2.82
C VAL C 49 -5.75 -9.49 -3.16
N ASP C 50 -6.79 -10.04 -2.53
CA ASP C 50 -8.17 -9.67 -2.80
C ASP C 50 -8.44 -8.21 -2.47
N SER C 51 -9.38 -7.62 -3.19
CA SER C 51 -9.74 -6.23 -3.01
C SER C 51 -11.21 -6.05 -3.41
N VAL C 52 -11.93 -5.26 -2.62
CA VAL C 52 -13.37 -5.14 -2.83
C VAL C 52 -13.64 -4.25 -4.04
N VAL C 53 -14.58 -4.69 -4.87
CA VAL C 53 -14.84 -4.10 -6.19
C VAL C 53 -16.10 -3.26 -6.10
N PRO C 54 -16.07 -1.98 -6.50
CA PRO C 54 -17.28 -1.14 -6.51
C PRO C 54 -18.16 -1.30 -7.75
N VAL C 55 -19.04 -2.30 -7.70
CA VAL C 55 -19.89 -2.62 -8.86
C VAL C 55 -21.12 -1.73 -8.92
N ASN C 56 -21.36 -0.90 -7.91
CA ASN C 56 -22.62 -0.21 -7.74
C ASN C 56 -22.45 1.30 -7.78
N ASN C 57 -21.75 1.80 -8.81
CA ASN C 57 -21.46 3.22 -8.97
C ASN C 57 -22.71 4.10 -9.00
N THR C 58 -23.51 3.97 -10.06
CA THR C 58 -24.88 4.50 -10.23
C THR C 58 -25.11 5.95 -9.78
N GLU C 59 -24.14 6.83 -10.07
CA GLU C 59 -24.26 8.29 -10.09
C GLU C 59 -24.43 8.97 -8.73
N ASP C 60 -24.67 8.21 -7.67
CA ASP C 60 -24.76 8.83 -6.35
C ASP C 60 -24.23 7.95 -5.22
N ASN C 61 -23.71 6.77 -5.52
CA ASN C 61 -23.17 5.89 -4.49
C ASN C 61 -21.66 5.93 -4.41
N VAL C 62 -21.00 6.78 -5.21
CA VAL C 62 -19.55 6.81 -5.22
C VAL C 62 -18.96 7.51 -4.00
N SER C 63 -19.66 8.50 -3.43
CA SER C 63 -19.24 9.12 -2.18
C SER C 63 -19.98 8.48 -1.00
N SER C 64 -19.84 7.15 -0.90
CA SER C 64 -20.54 6.36 0.11
C SER C 64 -19.89 4.98 0.17
N LEU C 65 -20.27 4.22 1.19
CA LEU C 65 -19.91 2.82 1.27
C LEU C 65 -20.91 1.93 0.53
N LYS C 66 -21.92 2.53 -0.11
CA LYS C 66 -22.93 1.78 -0.85
C LYS C 66 -22.48 1.37 -2.23
N ALA C 67 -21.31 1.83 -2.68
CA ALA C 67 -20.80 1.42 -3.98
C ALA C 67 -20.33 -0.02 -3.99
N TYR C 68 -20.03 -0.59 -2.83
CA TYR C 68 -19.49 -1.93 -2.76
C TYR C 68 -20.55 -3.00 -2.56
N GLN C 69 -21.81 -2.61 -2.36
CA GLN C 69 -22.88 -3.54 -2.05
C GLN C 69 -23.73 -3.80 -3.29
N ILE C 70 -24.08 -5.06 -3.50
CA ILE C 70 -24.87 -5.50 -4.65
C ILE C 70 -26.25 -5.90 -4.15
N PRO C 71 -27.32 -5.22 -4.55
CA PRO C 71 -28.64 -5.50 -3.97
C PRO C 71 -29.25 -6.80 -4.49
N VAL C 72 -29.88 -7.53 -3.57
CA VAL C 72 -30.45 -8.84 -3.85
C VAL C 72 -31.81 -8.91 -3.14
N GLN C 73 -32.86 -9.24 -3.89
CA GLN C 73 -34.23 -9.26 -3.37
C GLN C 73 -34.85 -10.64 -3.53
N SER C 74 -36.13 -10.74 -3.21
CA SER C 74 -36.96 -11.89 -3.52
C SER C 74 -37.97 -11.48 -4.58
N ASN C 75 -37.93 -12.14 -5.74
CA ASN C 75 -38.67 -11.71 -6.90
C ASN C 75 -39.97 -12.48 -7.05
N SER C 76 -40.77 -12.05 -8.02
CA SER C 76 -41.99 -12.72 -8.41
C SER C 76 -41.90 -13.36 -9.79
N ASP C 77 -40.71 -13.38 -10.39
CA ASP C 77 -40.48 -13.99 -11.69
C ASP C 77 -39.14 -14.72 -11.62
N ASN C 78 -38.60 -15.10 -12.76
CA ASN C 78 -37.39 -15.91 -12.79
C ASN C 78 -36.45 -15.46 -13.90
N GLY C 79 -35.15 -15.60 -13.65
CA GLY C 79 -34.14 -15.32 -14.64
C GLY C 79 -33.72 -13.87 -14.76
N LYS C 80 -33.76 -13.11 -13.68
CA LYS C 80 -33.37 -11.71 -13.72
C LYS C 80 -31.86 -11.57 -13.58
N GLN C 81 -31.35 -10.43 -14.04
CA GLN C 81 -29.92 -10.15 -13.98
C GLN C 81 -29.58 -9.39 -12.71
N VAL C 82 -28.46 -9.75 -12.10
CA VAL C 82 -28.00 -9.07 -10.89
C VAL C 82 -27.07 -7.92 -11.28
N PHE C 83 -25.94 -8.23 -11.93
CA PHE C 83 -25.04 -7.18 -12.42
C PHE C 83 -24.45 -7.60 -13.75
N GLY C 84 -23.52 -6.79 -14.25
CA GLY C 84 -22.79 -7.06 -15.46
C GLY C 84 -21.84 -5.94 -15.84
N PHE C 85 -20.61 -6.27 -16.21
CA PHE C 85 -19.63 -5.27 -16.61
C PHE C 85 -18.64 -5.91 -17.57
N PRO C 86 -18.02 -5.13 -18.46
CA PRO C 86 -17.00 -5.69 -19.34
C PRO C 86 -15.67 -5.89 -18.61
N LEU C 87 -14.95 -6.92 -19.04
CA LEU C 87 -13.68 -7.29 -18.41
C LEU C 87 -12.57 -6.45 -19.01
N GLN C 88 -12.34 -5.27 -18.43
CA GLN C 88 -11.22 -4.41 -18.80
C GLN C 88 -10.55 -3.98 -17.50
N PRO C 89 -9.50 -4.69 -17.06
CA PRO C 89 -8.97 -4.47 -15.70
C PRO C 89 -8.19 -3.18 -15.52
N GLY C 90 -8.00 -2.38 -16.56
CA GLY C 90 -7.28 -1.13 -16.39
C GLY C 90 -7.95 0.06 -17.05
N ALA C 91 -8.99 -0.17 -17.83
CA ALA C 91 -9.70 0.89 -18.51
C ALA C 91 -11.15 1.05 -18.09
N ASN C 92 -11.81 -0.02 -17.64
CA ASN C 92 -13.18 0.08 -17.18
C ASN C 92 -13.20 0.62 -15.75
N ASN C 93 -14.11 1.56 -15.50
CA ASN C 93 -14.15 2.27 -14.22
C ASN C 93 -14.63 1.42 -13.06
N VAL C 94 -15.05 0.17 -13.28
CA VAL C 94 -15.40 -0.71 -12.17
C VAL C 94 -14.13 -1.31 -11.56
N LEU C 95 -13.28 -1.93 -12.39
CA LEU C 95 -12.05 -2.56 -11.93
C LEU C 95 -10.85 -1.63 -12.03
N ASN C 96 -11.08 -0.33 -12.17
CA ASN C 96 -10.00 0.60 -12.47
C ASN C 96 -9.14 0.86 -11.24
N ARG C 97 -9.78 1.04 -10.09
CA ARG C 97 -9.18 1.63 -8.90
C ARG C 97 -8.85 0.58 -7.84
N THR C 98 -9.04 -0.70 -8.14
CA THR C 98 -8.78 -1.75 -7.16
C THR C 98 -7.27 -1.98 -7.02
N LEU C 99 -6.92 -2.93 -6.15
CA LEU C 99 -5.52 -3.22 -5.90
C LEU C 99 -4.83 -3.86 -7.09
N LEU C 100 -5.56 -4.63 -7.89
CA LEU C 100 -5.02 -5.16 -9.13
C LEU C 100 -4.99 -4.11 -10.23
N GLY C 101 -6.01 -3.27 -10.30
CA GLY C 101 -6.13 -2.27 -11.33
C GLY C 101 -5.27 -1.04 -11.17
N GLU C 102 -4.56 -0.91 -10.06
CA GLU C 102 -3.62 0.18 -9.88
C GLU C 102 -2.21 -0.18 -10.28
N ILE C 103 -1.84 -1.45 -10.14
CA ILE C 103 -0.54 -1.92 -10.59
C ILE C 103 -0.52 -2.00 -12.11
N LEU C 104 -1.66 -2.37 -12.71
CA LEU C 104 -1.76 -2.45 -14.16
C LEU C 104 -1.68 -1.08 -14.83
N ASN C 105 -2.03 -0.01 -14.12
CA ASN C 105 -1.97 1.32 -14.72
C ASN C 105 -0.57 1.91 -14.71
N TYR C 106 0.42 1.20 -14.20
CA TYR C 106 1.81 1.56 -14.36
C TYR C 106 2.48 0.87 -15.53
N TYR C 107 1.81 -0.09 -16.15
CA TYR C 107 2.36 -0.90 -17.22
C TYR C 107 1.49 -0.77 -18.47
N THR C 108 1.88 -1.46 -19.53
CA THR C 108 1.18 -1.39 -20.80
C THR C 108 0.60 -2.71 -21.25
N HIS C 109 1.30 -3.82 -21.01
CA HIS C 109 0.86 -5.15 -21.40
C HIS C 109 0.57 -6.00 -20.17
N TRP C 110 -0.39 -6.91 -20.30
CA TRP C 110 -0.73 -7.83 -19.22
C TRP C 110 -1.19 -9.15 -19.80
N SER C 111 -1.06 -10.21 -19.00
CA SER C 111 -1.37 -11.55 -19.45
C SER C 111 -1.58 -12.46 -18.25
N GLY C 112 -2.65 -13.24 -18.26
CA GLY C 112 -2.88 -14.25 -17.26
C GLY C 112 -4.35 -14.34 -16.89
N SER C 113 -4.64 -15.14 -15.87
CA SER C 113 -6.01 -15.36 -15.42
C SER C 113 -6.37 -14.39 -14.30
N ILE C 114 -7.66 -14.34 -13.98
CA ILE C 114 -8.21 -13.40 -13.00
C ILE C 114 -9.23 -14.14 -12.15
N LYS C 115 -9.11 -14.04 -10.84
CA LYS C 115 -10.05 -14.65 -9.91
C LYS C 115 -11.11 -13.64 -9.50
N LEU C 116 -12.33 -14.13 -9.28
CA LEU C 116 -13.44 -13.30 -8.84
C LEU C 116 -14.17 -14.04 -7.72
N THR C 117 -14.14 -13.48 -6.51
CA THR C 117 -14.72 -14.10 -5.34
C THR C 117 -15.95 -13.32 -4.89
N PHE C 118 -17.02 -14.05 -4.56
CA PHE C 118 -18.30 -13.46 -4.19
C PHE C 118 -18.68 -13.98 -2.81
N MET C 119 -19.13 -13.10 -1.94
CA MET C 119 -19.50 -13.45 -0.57
C MET C 119 -20.93 -13.01 -0.31
N PHE C 120 -21.72 -13.89 0.31
CA PHE C 120 -23.12 -13.62 0.60
C PHE C 120 -23.25 -13.13 2.04
N CYS C 121 -23.43 -11.83 2.21
CA CYS C 121 -23.56 -11.21 3.53
C CYS C 121 -25.02 -11.01 3.91
N GLY C 122 -25.82 -12.07 3.88
CA GLY C 122 -27.21 -12.02 4.27
C GLY C 122 -27.46 -12.74 5.59
N SER C 123 -28.73 -12.96 5.86
CA SER C 123 -29.13 -13.67 7.07
C SER C 123 -28.82 -15.15 6.94
N ALA C 124 -28.76 -15.83 8.09
CA ALA C 124 -28.37 -17.22 8.12
C ALA C 124 -29.53 -18.17 7.82
N MET C 125 -30.74 -17.64 7.59
CA MET C 125 -31.89 -18.45 7.24
C MET C 125 -32.29 -18.29 5.78
N ALA C 126 -31.63 -17.40 5.04
CA ALA C 126 -31.94 -17.17 3.65
C ALA C 126 -31.14 -18.10 2.76
N THR C 127 -31.74 -18.54 1.66
CA THR C 127 -31.14 -19.43 0.70
C THR C 127 -31.05 -18.75 -0.66
N GLY C 128 -30.55 -19.47 -1.65
CA GLY C 128 -30.49 -18.96 -3.00
C GLY C 128 -29.44 -19.68 -3.81
N LYS C 129 -29.62 -19.64 -5.13
CA LYS C 129 -28.66 -20.17 -6.09
C LYS C 129 -28.47 -19.14 -7.20
N PHE C 130 -27.23 -18.97 -7.64
CA PHE C 130 -26.89 -17.95 -8.63
C PHE C 130 -26.12 -18.59 -9.78
N LEU C 131 -25.94 -17.80 -10.85
CA LEU C 131 -25.18 -18.21 -12.02
C LEU C 131 -24.17 -17.12 -12.33
N LEU C 132 -22.89 -17.48 -12.36
CA LEU C 132 -21.80 -16.53 -12.61
C LEU C 132 -21.13 -16.91 -13.92
N ALA C 133 -21.35 -16.11 -14.96
CA ALA C 133 -20.94 -16.47 -16.32
C ALA C 133 -19.87 -15.53 -16.86
N TYR C 134 -19.15 -16.02 -17.87
CA TYR C 134 -18.16 -15.24 -18.59
C TYR C 134 -18.30 -15.53 -20.08
N SER C 135 -18.34 -14.47 -20.89
CA SER C 135 -18.58 -14.61 -22.33
C SER C 135 -17.44 -14.00 -23.11
N PRO C 136 -16.72 -14.76 -23.93
CA PRO C 136 -15.67 -14.19 -24.78
C PRO C 136 -16.26 -13.29 -25.85
N PRO C 137 -15.48 -12.39 -26.42
CA PRO C 137 -16.03 -11.45 -27.41
C PRO C 137 -16.33 -12.12 -28.75
N GLY C 138 -16.91 -11.33 -29.65
CA GLY C 138 -17.28 -11.82 -30.95
C GLY C 138 -18.76 -11.63 -31.22
N ALA C 139 -19.55 -11.89 -30.19
CA ALA C 139 -20.96 -11.53 -30.15
C ALA C 139 -21.14 -10.36 -29.20
N GLY C 140 -22.37 -9.98 -28.93
CA GLY C 140 -22.62 -8.88 -28.02
C GLY C 140 -22.59 -9.29 -26.57
N VAL C 141 -23.46 -8.66 -25.78
CA VAL C 141 -23.65 -9.00 -24.38
C VAL C 141 -24.84 -9.93 -24.30
N PRO C 142 -24.80 -11.00 -23.50
CA PRO C 142 -25.99 -11.86 -23.35
C PRO C 142 -27.11 -11.14 -22.61
N LYS C 143 -28.32 -11.23 -23.17
CA LYS C 143 -29.48 -10.57 -22.61
C LYS C 143 -30.40 -11.52 -21.85
N ASN C 144 -30.16 -12.82 -21.89
CA ASN C 144 -30.95 -13.80 -21.16
C ASN C 144 -30.01 -14.72 -20.38
N ARG C 145 -30.62 -15.53 -19.51
CA ARG C 145 -29.88 -16.62 -18.89
C ARG C 145 -29.67 -17.77 -19.86
N LYS C 146 -30.45 -17.83 -20.93
CA LYS C 146 -30.25 -18.85 -21.96
C LYS C 146 -29.00 -18.55 -22.78
N ASP C 147 -28.71 -17.28 -23.02
CA ASP C 147 -27.52 -16.92 -23.78
C ASP C 147 -26.27 -16.93 -22.92
N ALA C 148 -26.39 -16.70 -21.62
CA ALA C 148 -25.24 -16.62 -20.75
C ALA C 148 -24.77 -17.97 -20.26
N MET C 149 -25.61 -19.00 -20.34
CA MET C 149 -25.20 -20.34 -19.94
C MET C 149 -24.37 -21.03 -21.00
N LEU C 150 -24.28 -20.47 -22.21
CA LEU C 150 -23.50 -21.08 -23.27
C LEU C 150 -22.01 -20.79 -23.15
N GLY C 151 -21.62 -19.83 -22.33
CA GLY C 151 -20.23 -19.51 -22.13
C GLY C 151 -19.59 -20.34 -21.04
N THR C 152 -18.77 -19.71 -20.20
CA THR C 152 -18.10 -20.37 -19.08
C THR C 152 -18.80 -19.92 -17.81
N HIS C 153 -19.43 -20.86 -17.12
CA HIS C 153 -20.20 -20.51 -15.93
C HIS C 153 -19.94 -21.49 -14.80
N VAL C 154 -20.37 -21.08 -13.61
CA VAL C 154 -20.41 -21.93 -12.42
C VAL C 154 -21.73 -21.63 -11.72
N ILE C 155 -22.31 -22.65 -11.09
CA ILE C 155 -23.55 -22.49 -10.33
C ILE C 155 -23.20 -22.51 -8.84
N TRP C 156 -23.53 -21.42 -8.15
CA TRP C 156 -23.15 -21.21 -6.77
C TRP C 156 -24.36 -21.50 -5.88
N ASP C 157 -24.20 -22.44 -4.96
CA ASP C 157 -25.23 -22.78 -3.99
C ASP C 157 -24.82 -22.22 -2.62
N VAL C 158 -25.64 -21.34 -2.07
CA VAL C 158 -25.31 -20.62 -0.85
C VAL C 158 -25.70 -21.46 0.35
N GLY C 159 -24.70 -21.88 1.13
CA GLY C 159 -24.95 -22.67 2.31
C GLY C 159 -24.10 -22.25 3.49
N LEU C 160 -23.37 -23.20 4.09
CA LEU C 160 -22.49 -22.87 5.21
C LEU C 160 -21.21 -22.17 4.73
N GLN C 161 -20.59 -22.70 3.68
CA GLN C 161 -19.49 -21.98 3.04
C GLN C 161 -20.06 -20.81 2.26
N SER C 162 -19.65 -19.60 2.60
CA SER C 162 -20.30 -18.40 2.12
C SER C 162 -19.62 -17.76 0.92
N SER C 163 -18.59 -18.39 0.36
CA SER C 163 -17.87 -17.80 -0.77
C SER C 163 -17.78 -18.79 -1.93
N CYS C 164 -17.63 -18.22 -3.13
CA CYS C 164 -17.41 -18.98 -4.34
C CYS C 164 -16.47 -18.21 -5.25
N VAL C 165 -15.70 -18.94 -6.06
CA VAL C 165 -14.69 -18.36 -6.94
C VAL C 165 -15.05 -18.70 -8.38
N LEU C 166 -15.14 -17.68 -9.22
CA LEU C 166 -15.23 -17.84 -10.67
C LEU C 166 -13.89 -17.45 -11.26
N CYS C 167 -13.16 -18.42 -11.79
CA CYS C 167 -11.81 -18.19 -12.29
C CYS C 167 -11.88 -17.95 -13.80
N VAL C 168 -11.71 -16.70 -14.20
CA VAL C 168 -11.76 -16.29 -15.60
C VAL C 168 -10.50 -16.80 -16.30
N PRO C 169 -10.61 -17.71 -17.26
CA PRO C 169 -9.42 -18.26 -17.91
C PRO C 169 -8.86 -17.30 -18.95
N TRP C 170 -7.63 -17.58 -19.36
CA TRP C 170 -6.95 -16.79 -20.38
C TRP C 170 -7.34 -17.36 -21.74
N ILE C 171 -8.28 -16.70 -22.40
CA ILE C 171 -8.66 -17.00 -23.78
C ILE C 171 -8.30 -15.78 -24.61
N SER C 172 -7.26 -15.90 -25.42
CA SER C 172 -6.84 -14.80 -26.27
C SER C 172 -6.15 -15.36 -27.49
N GLN C 173 -6.14 -14.57 -28.56
CA GLN C 173 -5.41 -14.96 -29.76
C GLN C 173 -3.94 -14.63 -29.68
N THR C 174 -3.55 -13.70 -28.81
CA THR C 174 -2.18 -13.26 -28.68
C THR C 174 -1.61 -13.74 -27.36
N HIS C 175 -0.39 -13.30 -27.03
CA HIS C 175 0.22 -13.62 -25.75
C HIS C 175 -0.03 -12.56 -24.70
N TYR C 176 -0.21 -11.31 -25.10
CA TYR C 176 -0.41 -10.19 -24.19
C TYR C 176 -1.61 -9.37 -24.66
N ARG C 177 -2.08 -8.49 -23.79
CA ARG C 177 -3.20 -7.61 -24.08
C ARG C 177 -2.84 -6.19 -23.69
N TYR C 178 -3.51 -5.23 -24.31
CA TYR C 178 -3.30 -3.83 -23.97
C TYR C 178 -4.05 -3.48 -22.70
N VAL C 179 -3.44 -2.62 -21.89
CA VAL C 179 -4.11 -2.13 -20.69
C VAL C 179 -5.14 -1.07 -21.05
N VAL C 180 -4.77 -0.15 -21.95
CA VAL C 180 -5.70 0.87 -22.42
C VAL C 180 -6.78 0.22 -23.29
N GLU C 181 -7.89 0.95 -23.48
CA GLU C 181 -9.04 0.41 -24.19
C GLU C 181 -8.73 0.25 -25.68
N ASP C 182 -9.02 -0.93 -26.21
CA ASP C 182 -8.60 -1.31 -27.55
C ASP C 182 -9.54 -2.40 -28.03
N GLU C 183 -10.15 -2.20 -29.19
CA GLU C 183 -11.13 -3.16 -29.69
C GLU C 183 -10.46 -4.38 -30.30
N TYR C 184 -9.18 -4.28 -30.66
CA TYR C 184 -8.48 -5.45 -31.19
C TYR C 184 -8.15 -6.45 -30.09
N THR C 185 -8.00 -5.99 -28.85
CA THR C 185 -7.62 -6.87 -27.75
C THR C 185 -8.68 -6.86 -26.65
N ALA C 186 -9.95 -6.97 -27.01
CA ALA C 186 -11.01 -7.01 -26.03
C ALA C 186 -11.02 -8.36 -25.30
N ALA C 187 -11.67 -8.38 -24.14
CA ALA C 187 -11.64 -9.56 -23.28
C ALA C 187 -13.00 -10.16 -22.94
N GLY C 188 -14.09 -9.43 -23.13
CA GLY C 188 -15.40 -10.00 -22.93
C GLY C 188 -16.14 -9.40 -21.76
N TYR C 189 -17.14 -10.13 -21.28
CA TYR C 189 -18.12 -9.64 -20.33
C TYR C 189 -18.32 -10.64 -19.20
N VAL C 190 -18.64 -10.12 -18.02
CA VAL C 190 -18.90 -10.92 -16.83
C VAL C 190 -20.28 -10.53 -16.30
N THR C 191 -21.18 -11.49 -16.20
CA THR C 191 -22.56 -11.26 -15.82
C THR C 191 -22.94 -12.13 -14.62
N CYS C 192 -24.15 -11.89 -14.09
CA CYS C 192 -24.67 -12.67 -12.98
C CYS C 192 -26.19 -12.67 -13.04
N TRP C 193 -26.79 -13.85 -12.83
CA TRP C 193 -28.22 -14.05 -12.99
C TRP C 193 -28.76 -14.83 -11.79
N TYR C 194 -30.08 -14.84 -11.65
CA TYR C 194 -30.74 -15.65 -10.65
C TYR C 194 -30.99 -17.04 -11.22
N GLN C 195 -30.51 -18.07 -10.52
CA GLN C 195 -30.85 -19.43 -10.89
C GLN C 195 -32.21 -19.81 -10.31
N THR C 196 -32.32 -19.78 -8.98
CA THR C 196 -33.59 -19.87 -8.27
C THR C 196 -33.77 -18.57 -7.49
N ASN C 197 -34.77 -18.54 -6.62
CA ASN C 197 -35.09 -17.31 -5.90
C ASN C 197 -34.36 -17.27 -4.55
N ILE C 198 -34.52 -16.15 -3.86
CA ILE C 198 -34.06 -15.99 -2.48
C ILE C 198 -35.27 -16.25 -1.60
N VAL C 199 -35.36 -17.45 -1.03
CA VAL C 199 -36.48 -17.83 -0.20
C VAL C 199 -36.12 -17.56 1.26
N VAL C 200 -37.01 -16.85 1.96
CA VAL C 200 -36.69 -16.34 3.29
C VAL C 200 -37.84 -16.72 4.23
N PRO C 201 -37.58 -16.94 5.52
CA PRO C 201 -38.68 -17.20 6.47
C PRO C 201 -39.43 -15.95 6.87
N ALA C 202 -40.35 -16.11 7.82
CA ALA C 202 -41.04 -14.97 8.40
C ALA C 202 -40.16 -14.28 9.43
N ASP C 203 -40.41 -12.99 9.61
CA ASP C 203 -39.65 -12.09 10.51
C ASP C 203 -38.16 -12.03 10.16
N VAL C 204 -37.84 -12.23 8.88
CA VAL C 204 -36.48 -12.04 8.36
C VAL C 204 -36.57 -11.05 7.20
N GLN C 205 -35.61 -10.15 7.12
CA GLN C 205 -35.59 -9.18 6.04
C GLN C 205 -35.24 -9.83 4.71
N SER C 206 -35.97 -9.45 3.66
CA SER C 206 -35.78 -10.08 2.35
C SER C 206 -34.55 -9.55 1.64
N SER C 207 -34.26 -8.27 1.77
CA SER C 207 -33.18 -7.64 1.02
C SER C 207 -31.83 -7.96 1.67
N CYS C 208 -30.95 -8.59 0.89
CA CYS C 208 -29.62 -8.97 1.31
C CYS C 208 -28.59 -8.21 0.48
N ASP C 209 -27.32 -8.53 0.67
CA ASP C 209 -26.24 -7.90 -0.08
C ASP C 209 -25.16 -8.92 -0.38
N ILE C 210 -24.39 -8.65 -1.43
CA ILE C 210 -23.27 -9.48 -1.86
C ILE C 210 -22.06 -8.58 -2.06
N LEU C 211 -20.92 -8.99 -1.53
CA LEU C 211 -19.65 -8.34 -1.79
C LEU C 211 -18.86 -9.09 -2.87
N CYS C 212 -17.99 -8.35 -3.56
CA CYS C 212 -17.20 -8.89 -4.66
C CYS C 212 -15.72 -8.59 -4.43
N PHE C 213 -14.87 -9.56 -4.76
CA PHE C 213 -13.42 -9.43 -4.63
C PHE C 213 -12.76 -9.74 -5.97
N VAL C 214 -11.52 -9.27 -6.13
CA VAL C 214 -10.77 -9.52 -7.35
C VAL C 214 -9.29 -9.64 -6.99
N SER C 215 -8.59 -10.51 -7.72
CA SER C 215 -7.16 -10.74 -7.54
C SER C 215 -6.64 -11.38 -8.82
N ALA C 216 -5.42 -11.90 -8.76
CA ALA C 216 -4.76 -12.49 -9.92
C ALA C 216 -4.28 -13.89 -9.58
N CYS C 217 -4.14 -14.72 -10.61
CA CYS C 217 -3.65 -16.08 -10.43
C CYS C 217 -2.13 -16.08 -10.40
N ASN C 218 -1.52 -17.26 -10.45
CA ASN C 218 -0.07 -17.38 -10.38
C ASN C 218 0.59 -17.45 -11.76
N ASP C 219 -0.16 -17.16 -12.83
CA ASP C 219 0.41 -17.02 -14.15
C ASP C 219 0.31 -15.59 -14.67
N PHE C 220 -0.06 -14.64 -13.81
CA PHE C 220 -0.21 -13.25 -14.20
C PHE C 220 1.16 -12.59 -14.32
N SER C 221 1.31 -11.73 -15.32
CA SER C 221 2.56 -10.99 -15.53
C SER C 221 2.24 -9.69 -16.24
N VAL C 222 3.21 -8.77 -16.20
CA VAL C 222 3.07 -7.42 -16.75
C VAL C 222 4.32 -7.07 -17.55
N ARG C 223 4.26 -5.94 -18.25
CA ARG C 223 5.31 -5.57 -19.19
C ARG C 223 5.20 -4.08 -19.52
N MET C 224 6.34 -3.48 -19.90
CA MET C 224 6.44 -2.14 -20.49
C MET C 224 5.94 -1.05 -19.54
N LEU C 225 6.72 -0.83 -18.48
CA LEU C 225 6.42 0.14 -17.44
C LEU C 225 6.30 1.57 -17.99
N LYS C 226 5.24 2.27 -17.56
CA LYS C 226 4.97 3.65 -17.99
C LYS C 226 4.47 4.44 -16.78
N ASP C 227 3.94 5.63 -17.04
CA ASP C 227 3.41 6.51 -16.00
C ASP C 227 1.94 6.25 -15.76
N THR C 228 1.45 6.74 -14.61
CA THR C 228 0.04 6.55 -14.34
C THR C 228 -0.75 7.83 -14.66
N PRO C 229 -1.98 7.70 -15.15
CA PRO C 229 -2.78 8.90 -15.44
C PRO C 229 -3.62 9.38 -14.27
N PHE C 230 -3.33 8.89 -13.07
CA PHE C 230 -4.18 9.11 -11.91
C PHE C 230 -3.64 10.15 -10.94
N ILE C 231 -2.79 11.07 -11.39
CA ILE C 231 -2.25 12.10 -10.51
C ILE C 231 -2.01 13.36 -11.33
N ARG C 232 -2.10 14.51 -10.66
CA ARG C 232 -1.95 15.82 -11.28
C ARG C 232 -0.92 16.61 -10.50
N GLN C 233 -0.47 17.70 -11.11
CA GLN C 233 0.25 18.76 -10.42
C GLN C 233 0.19 20.03 -11.24
N ASP C 234 0.16 21.17 -10.54
CA ASP C 234 0.22 22.48 -11.16
C ASP C 234 1.48 23.24 -10.77
N THR C 235 1.76 23.32 -9.48
CA THR C 235 2.96 23.99 -8.97
C THR C 235 3.57 23.08 -7.92
N PHE C 236 4.79 23.40 -7.50
CA PHE C 236 5.45 22.65 -6.44
C PHE C 236 4.71 22.84 -5.12
N TYR C 237 4.68 21.79 -4.31
CA TYR C 237 4.00 21.81 -3.03
C TYR C 237 4.87 22.50 -1.98
N ALA D 3 37.07 -9.84 -12.71
CA ALA D 3 36.08 -9.73 -13.77
C ALA D 3 34.98 -10.78 -13.62
N GLN D 4 33.73 -10.32 -13.56
CA GLN D 4 32.59 -11.21 -13.43
C GLN D 4 31.99 -11.46 -14.81
N VAL D 5 31.67 -12.71 -15.10
CA VAL D 5 31.02 -13.11 -16.34
C VAL D 5 29.62 -13.61 -15.99
N SER D 6 28.60 -12.95 -16.51
CA SER D 6 27.21 -13.24 -16.19
C SER D 6 26.49 -13.67 -17.47
N THR D 7 25.15 -13.76 -17.41
CA THR D 7 24.42 -14.56 -18.38
C THR D 7 23.56 -13.78 -19.37
N GLN D 8 23.38 -12.45 -19.20
CA GLN D 8 22.83 -11.56 -20.23
C GLN D 8 21.46 -11.92 -20.76
N LYS D 9 20.40 -11.62 -19.97
CA LYS D 9 18.99 -11.93 -20.23
C LYS D 9 18.56 -11.80 -21.69
N THR D 10 17.94 -12.86 -22.20
CA THR D 10 17.40 -12.98 -23.55
C THR D 10 15.93 -13.37 -23.45
N GLY D 11 15.36 -13.71 -24.60
CA GLY D 11 13.99 -14.18 -24.65
C GLY D 11 13.86 -15.57 -25.22
N ILE D 25 24.56 -16.28 -24.18
CA ILE D 25 25.48 -15.20 -24.50
C ILE D 25 25.85 -14.51 -23.18
N HIS D 26 27.09 -14.08 -23.04
CA HIS D 26 27.60 -13.58 -21.78
C HIS D 26 28.02 -12.12 -21.90
N TYR D 27 28.37 -11.53 -20.76
CA TYR D 27 28.97 -10.20 -20.74
C TYR D 27 29.93 -10.12 -19.56
N THR D 28 30.77 -9.09 -19.57
CA THR D 28 31.85 -8.94 -18.60
C THR D 28 31.63 -7.68 -17.78
N ASN D 29 31.97 -7.74 -16.49
CA ASN D 29 31.77 -6.63 -15.58
C ASN D 29 32.94 -6.53 -14.61
N ILE D 30 33.57 -5.35 -14.55
CA ILE D 30 34.66 -5.06 -13.62
C ILE D 30 34.26 -3.85 -12.79
N ASN D 31 34.57 -3.88 -11.49
CA ASN D 31 34.33 -2.76 -10.60
C ASN D 31 35.57 -1.87 -10.53
N TYR D 32 35.37 -0.56 -10.58
CA TYR D 32 36.47 0.38 -10.66
C TYR D 32 36.71 1.20 -9.40
N TYR D 33 35.73 1.30 -8.51
CA TYR D 33 35.80 2.17 -7.37
C TYR D 33 35.88 1.37 -6.08
N LYS D 34 36.26 2.05 -4.99
CA LYS D 34 36.55 1.39 -3.73
C LYS D 34 35.33 1.22 -2.83
N ASP D 35 34.23 1.88 -3.13
CA ASP D 35 33.04 1.82 -2.29
C ASP D 35 31.96 1.01 -3.00
N ALA D 36 31.21 0.23 -2.22
CA ALA D 36 30.18 -0.63 -2.77
C ALA D 36 28.91 0.13 -3.16
N ALA D 37 28.81 1.41 -2.80
CA ALA D 37 27.71 2.25 -3.26
C ALA D 37 27.94 2.82 -4.64
N SER D 38 29.09 2.54 -5.24
CA SER D 38 29.43 3.05 -6.56
C SER D 38 29.14 2.05 -7.67
N ASN D 39 28.67 0.86 -7.34
CA ASN D 39 28.44 -0.17 -8.33
C ASN D 39 27.17 0.14 -9.13
N SER D 40 26.88 -0.73 -10.08
CA SER D 40 25.69 -0.63 -10.89
C SER D 40 24.50 -1.23 -10.14
N ALA D 41 23.32 -1.15 -10.76
CA ALA D 41 22.13 -1.72 -10.15
C ALA D 41 22.18 -3.25 -10.23
N ASN D 42 21.36 -3.89 -9.40
CA ASN D 42 21.33 -5.34 -9.35
C ASN D 42 20.63 -5.91 -10.57
N ARG D 43 19.34 -5.61 -10.73
CA ARG D 43 18.51 -5.82 -11.92
C ARG D 43 18.26 -7.29 -12.26
N GLN D 44 18.87 -8.23 -11.56
CA GLN D 44 18.74 -9.66 -11.87
C GLN D 44 18.61 -10.49 -10.60
N ASP D 45 17.82 -10.01 -9.64
CA ASP D 45 17.55 -10.73 -8.41
C ASP D 45 16.07 -11.09 -8.39
N PHE D 46 15.74 -12.23 -8.97
CA PHE D 46 14.36 -12.67 -9.12
C PHE D 46 14.05 -13.66 -8.01
N THR D 47 13.24 -13.23 -7.04
CA THR D 47 12.91 -14.03 -5.87
C THR D 47 11.45 -13.73 -5.53
N GLN D 48 10.68 -14.76 -5.21
CA GLN D 48 9.27 -14.60 -4.93
C GLN D 48 8.89 -15.30 -3.63
N ASP D 49 8.10 -14.62 -2.82
CA ASP D 49 7.50 -15.23 -1.62
C ASP D 49 6.13 -14.58 -1.44
N PRO D 50 5.13 -15.04 -2.19
CA PRO D 50 3.80 -14.43 -2.08
C PRO D 50 2.99 -14.97 -0.91
N GLY D 51 3.46 -16.01 -0.22
CA GLY D 51 2.66 -16.66 0.80
C GLY D 51 2.51 -15.87 2.08
N LYS D 52 3.42 -14.92 2.34
CA LYS D 52 3.33 -14.13 3.55
C LYS D 52 2.25 -13.06 3.49
N PHE D 53 1.74 -12.77 2.30
CA PHE D 53 0.64 -11.83 2.13
C PHE D 53 -0.69 -12.49 1.82
N THR D 54 -0.67 -13.60 1.08
CA THR D 54 -1.90 -14.22 0.61
C THR D 54 -2.43 -15.30 1.55
N GLU D 55 -1.55 -15.97 2.30
CA GLU D 55 -1.99 -17.00 3.27
C GLU D 55 -1.29 -16.81 4.62
N PRO D 56 -1.62 -15.71 5.34
CA PRO D 56 -0.99 -15.45 6.64
C PRO D 56 -1.74 -16.05 7.81
N VAL D 57 -2.11 -17.33 7.69
CA VAL D 57 -2.94 -17.98 8.68
C VAL D 57 -2.07 -18.91 9.52
N LYS D 58 -2.64 -19.41 10.61
CA LYS D 58 -1.92 -20.26 11.55
C LYS D 58 -1.94 -21.72 11.12
N ASP D 59 -3.13 -22.28 10.93
CA ASP D 59 -3.27 -23.65 10.45
C ASP D 59 -3.38 -23.64 8.93
N ILE D 60 -2.66 -24.56 8.28
CA ILE D 60 -2.65 -24.59 6.82
C ILE D 60 -3.99 -25.07 6.29
N MET D 61 -4.34 -24.59 5.10
CA MET D 61 -5.63 -24.86 4.49
C MET D 61 -5.41 -25.58 3.16
N VAL D 62 -5.90 -26.80 3.06
CA VAL D 62 -5.83 -27.56 1.82
C VAL D 62 -6.94 -27.06 0.90
N LYS D 63 -6.65 -27.00 -0.40
CA LYS D 63 -7.58 -26.40 -1.36
C LYS D 63 -8.83 -27.23 -1.54
N THR D 64 -8.70 -28.56 -1.59
CA THR D 64 -9.84 -29.42 -1.87
C THR D 64 -10.74 -29.65 -0.65
N MET D 65 -10.22 -29.45 0.55
CA MET D 65 -11.03 -29.61 1.75
C MET D 65 -11.84 -28.34 2.01
N PRO D 66 -12.96 -28.45 2.72
CA PRO D 66 -13.70 -27.25 3.10
C PRO D 66 -12.94 -26.41 4.12
N ALA D 67 -13.30 -25.13 4.19
CA ALA D 67 -12.58 -24.21 5.06
C ALA D 67 -12.95 -24.42 6.53
N LEU D 68 -14.23 -24.64 6.81
CA LEU D 68 -14.72 -24.81 8.16
C LEU D 68 -15.34 -26.19 8.30
N ASN D 69 -14.89 -26.95 9.30
CA ASN D 69 -15.44 -28.26 9.57
C ASN D 69 -16.26 -28.24 10.85
C1 PLM E . 12.75 10.26 3.61
O1 PLM E . 11.88 9.77 2.86
O2 PLM E . 12.57 10.43 4.84
C2 PLM E . 14.03 10.76 2.97
C3 PLM E . 14.04 10.40 1.49
C4 PLM E . 15.45 10.10 0.97
C5 PLM E . 16.34 11.34 0.95
C6 PLM E . 17.76 10.98 0.53
C7 PLM E . 18.78 12.02 1.00
C8 PLM E . 19.81 12.34 -0.07
C9 PLM E . 20.94 13.25 0.44
CA PLM E . 21.44 14.18 -0.65
CB PLM E . 22.96 14.25 -0.77
CC PLM E . 23.37 15.17 -1.91
CD PLM E . 24.87 15.40 -1.99
CE PLM E . 25.24 16.36 -3.13
CF PLM E . 26.74 16.36 -3.42
CG PLM E . 27.15 17.46 -4.37
#